data_1UAA
#
_entry.id   1UAA
#
_cell.length_a   141.800
_cell.length_b   141.800
_cell.length_c   284.800
_cell.angle_alpha   90.00
_cell.angle_beta   90.00
_cell.angle_gamma   90.00
#
_symmetry.space_group_name_H-M   'P 43 21 2'
#
loop_
_entity.id
_entity.type
_entity.pdbx_description
1 polymer "DNA (5'-D(*TP*TP*TP*TP*TP*TP*TP*TP*TP*TP*TP*TP*TP*TP*TP*T)-3')"
2 polymer 'PROTEIN (ATP-DEPENDENT DNA HELICASE REP.)'
#
loop_
_entity_poly.entity_id
_entity_poly.type
_entity_poly.pdbx_seq_one_letter_code
_entity_poly.pdbx_strand_id
1 'polydeoxyribonucleotide' (DT)(DT)(DT)(DT)(DT)(DT)(DT)(DT)(DT)(DT)(DT)(DT)(DT)(DT)(DT)(DT) C
2 'polypeptide(L)'
;MRLNPGQQQAVEFVTGPCLVLAGAGSGKTRVITNKIAHLIRGCGYQARHIAAVTFTNKAAREMKERVGQTLGRKEARGLM
ISTFHTLGLDIIKREYAALGMKANFSLFDDTDQLALLKELTEGLIEDDKVLLQQLISTISNWKNDLKTPSQAAASAIGER
DRIFAHCYGLYDAHLKACNVLDFDDLILLPTLLLQANEEVRKRWQNKIRYLLVDEYQDTNTSQYELVKLLVGSRARFTVV
GDDDQSIYSWRGARPQNLVLLSQDFPALKVIKLEQNYRSSGRILKAANILIANNPHVFEKRLFSELGYGAELKVLSANNE
EHEAERVTGELIAHHFVNKTQYKDYAILYRGNHQSRVFEKFLMQNRIPYKISGGTSFFSRPEIKDLLAYLRVLTNPDDDS
AFLRIVNTPKREIGPATLKKLGEWAMTRNKSMFTASFDMGLSQTLSGRGYEALTRFTHWLAEIQRLAEREPIAAVRDLIH
GMDYESWLYETSPSPKAAEMRMKNVNQLFSWMTEMLEGSELDEPMTLTQVVTRFTLRDMMERGESEEELDQVQLMTLHAS
KGLEFPYVYMVGMEEGFLPHQSSIDEDNIDEERRLAYVGITRAQKELTFTLCKERRQYGELVRPEPSRFLLELPQDDLIW
EQERKVVSAEERMQKGQSHLANLKAMMAAKRGK
;
A,B
#
# COMPACT_ATOMS: atom_id res chain seq x y z
N ARG B 2 37.75 33.15 -21.61
CA ARG B 2 38.54 32.24 -20.72
C ARG B 2 37.69 31.43 -19.69
N LEU B 3 38.34 31.22 -18.55
CA LEU B 3 37.74 30.53 -17.43
C LEU B 3 37.44 31.78 -16.64
N ASN B 4 36.30 31.82 -15.97
CA ASN B 4 36.06 33.04 -15.25
C ASN B 4 37.08 33.16 -14.15
N PRO B 5 37.55 34.38 -13.92
CA PRO B 5 38.53 34.76 -12.92
C PRO B 5 38.50 33.99 -11.63
N GLY B 6 37.36 33.98 -10.94
CA GLY B 6 37.27 33.25 -9.70
C GLY B 6 37.86 31.87 -9.94
N GLN B 7 37.25 31.15 -10.86
CA GLN B 7 37.70 29.83 -11.21
C GLN B 7 39.22 29.87 -11.35
N GLN B 8 39.71 30.69 -12.27
CA GLN B 8 41.13 30.80 -12.48
C GLN B 8 41.96 30.93 -11.21
N GLN B 9 41.65 31.92 -10.39
CA GLN B 9 42.43 32.11 -9.19
C GLN B 9 42.40 30.90 -8.30
N ALA B 10 41.29 30.18 -8.36
CA ALA B 10 41.10 28.96 -7.58
C ALA B 10 42.17 28.02 -8.06
N VAL B 11 42.26 27.91 -9.37
CA VAL B 11 43.23 27.04 -10.00
C VAL B 11 44.69 27.46 -9.80
N GLU B 12 45.01 28.74 -9.90
CA GLU B 12 46.42 29.16 -9.72
C GLU B 12 46.93 29.06 -8.30
N PHE B 13 46.04 29.28 -7.33
CA PHE B 13 46.45 29.25 -5.94
C PHE B 13 46.80 27.84 -5.54
N VAL B 14 48.10 27.57 -5.46
CA VAL B 14 48.54 26.25 -5.10
C VAL B 14 49.69 26.30 -4.11
N THR B 15 49.71 27.30 -3.25
CA THR B 15 50.83 27.44 -2.30
C THR B 15 50.55 27.16 -0.81
N GLY B 16 49.28 27.04 -0.42
CA GLY B 16 48.96 26.78 0.96
C GLY B 16 47.52 26.35 1.19
N PRO B 17 47.00 26.58 2.40
CA PRO B 17 45.65 26.24 2.84
C PRO B 17 44.66 27.12 2.13
N CYS B 18 43.88 26.51 1.26
CA CYS B 18 42.95 27.31 0.55
C CYS B 18 41.60 26.68 0.45
N LEU B 19 40.58 27.54 0.46
CA LEU B 19 39.21 27.13 0.36
C LEU B 19 38.47 27.83 -0.76
N VAL B 20 37.78 27.05 -1.58
CA VAL B 20 37.02 27.67 -2.63
C VAL B 20 35.57 27.52 -2.27
N LEU B 21 34.88 28.63 -2.21
CA LEU B 21 33.48 28.64 -1.86
C LEU B 21 32.60 28.60 -3.10
N ALA B 22 32.65 27.50 -3.81
CA ALA B 22 31.85 27.45 -5.01
C ALA B 22 30.38 27.51 -4.82
N GLY B 23 29.79 28.64 -5.16
CA GLY B 23 28.34 28.78 -5.03
C GLY B 23 27.66 27.87 -6.02
N ALA B 24 26.35 27.76 -5.93
CA ALA B 24 25.58 26.86 -6.81
C ALA B 24 25.59 27.11 -8.32
N GLY B 25 26.44 26.42 -9.04
CA GLY B 25 26.49 26.63 -10.47
C GLY B 25 27.92 27.03 -10.79
N SER B 26 28.63 27.45 -9.75
CA SER B 26 30.02 27.89 -9.82
C SER B 26 30.88 27.26 -10.94
N GLY B 27 30.99 25.94 -10.93
CA GLY B 27 31.79 25.20 -11.94
C GLY B 27 32.80 24.20 -11.27
N LYS B 28 32.51 23.97 -10.00
CA LYS B 28 33.23 23.08 -9.05
C LYS B 28 34.12 21.94 -9.62
N THR B 29 33.53 21.06 -10.42
CA THR B 29 34.20 19.87 -11.02
C THR B 29 35.34 20.35 -11.94
N ARG B 30 35.04 21.34 -12.79
CA ARG B 30 36.01 21.94 -13.71
C ARG B 30 37.30 22.31 -12.95
N VAL B 31 37.13 23.32 -12.12
CA VAL B 31 38.20 23.78 -11.28
C VAL B 31 39.02 22.64 -10.67
N ILE B 32 38.38 21.73 -9.95
CA ILE B 32 39.15 20.66 -9.37
C ILE B 32 39.98 19.94 -10.42
N THR B 33 39.33 19.47 -11.49
CA THR B 33 40.08 18.75 -12.52
C THR B 33 41.25 19.62 -12.95
N ASN B 34 40.90 20.82 -13.33
CA ASN B 34 41.87 21.73 -13.76
C ASN B 34 42.97 21.90 -12.75
N LYS B 35 42.60 22.10 -11.50
CA LYS B 35 43.66 22.31 -10.57
C LYS B 35 44.55 21.13 -10.48
N ILE B 36 44.02 19.93 -10.59
CA ILE B 36 44.92 18.78 -10.51
C ILE B 36 45.73 18.75 -11.76
N ALA B 37 45.08 18.84 -12.90
CA ALA B 37 45.81 18.84 -14.15
C ALA B 37 46.93 19.87 -14.02
N HIS B 38 46.56 21.09 -13.66
CA HIS B 38 47.50 22.18 -13.50
C HIS B 38 48.64 21.91 -12.47
N LEU B 39 48.26 21.39 -11.31
CA LEU B 39 49.20 21.08 -10.24
C LEU B 39 50.34 20.34 -10.84
N ILE B 40 49.96 19.32 -11.59
CA ILE B 40 50.89 18.45 -12.25
C ILE B 40 51.71 19.23 -13.25
N ARG B 41 51.05 19.59 -14.35
CA ARG B 41 51.65 20.31 -15.47
C ARG B 41 52.38 21.61 -15.10
N GLY B 42 51.61 22.63 -14.76
CA GLY B 42 52.21 23.89 -14.43
C GLY B 42 52.97 23.97 -13.11
N CYS B 43 52.66 23.12 -12.14
CA CYS B 43 53.35 23.21 -10.87
C CYS B 43 54.34 22.11 -10.60
N GLY B 44 54.48 21.22 -11.55
CA GLY B 44 55.44 20.14 -11.37
C GLY B 44 55.00 19.02 -10.46
N TYR B 45 53.87 19.19 -9.77
CA TYR B 45 53.40 18.13 -8.91
C TYR B 45 53.32 16.82 -9.69
N GLN B 46 53.75 15.73 -9.06
CA GLN B 46 53.72 14.40 -9.71
C GLN B 46 52.41 13.68 -9.53
N ALA B 47 51.71 13.45 -10.64
CA ALA B 47 50.43 12.76 -10.65
C ALA B 47 50.23 11.85 -9.43
N ARG B 48 51.23 11.04 -9.12
CA ARG B 48 51.15 10.09 -8.00
C ARG B 48 51.23 10.68 -6.57
N HIS B 49 51.18 12.01 -6.42
CA HIS B 49 51.29 12.65 -5.11
C HIS B 49 50.11 13.51 -4.75
N ILE B 50 49.13 13.53 -5.63
CA ILE B 50 47.99 14.33 -5.36
C ILE B 50 46.84 13.43 -5.00
N ALA B 51 45.97 13.89 -4.11
CA ALA B 51 44.80 13.09 -3.77
C ALA B 51 43.61 14.01 -3.78
N ALA B 52 42.59 13.55 -4.47
CA ALA B 52 41.36 14.29 -4.57
C ALA B 52 40.31 13.41 -3.92
N VAL B 53 39.92 13.78 -2.71
CA VAL B 53 38.91 13.05 -1.97
C VAL B 53 37.54 13.60 -2.20
N THR B 54 36.59 12.67 -2.16
CA THR B 54 35.21 13.00 -2.37
C THR B 54 34.31 12.22 -1.40
N PHE B 55 33.00 12.28 -1.64
CA PHE B 55 32.08 11.58 -0.77
C PHE B 55 31.45 10.38 -1.39
N THR B 56 31.14 10.50 -2.68
CA THR B 56 30.51 9.41 -3.35
C THR B 56 31.36 8.76 -4.41
N ASN B 57 31.17 7.45 -4.59
CA ASN B 57 31.90 6.66 -5.59
C ASN B 57 31.57 7.15 -6.98
N LYS B 58 30.59 8.04 -7.11
CA LYS B 58 30.18 8.59 -8.40
C LYS B 58 31.08 9.73 -8.82
N ALA B 59 31.01 10.83 -8.06
CA ALA B 59 31.82 12.00 -8.35
C ALA B 59 33.22 11.49 -8.59
N ALA B 60 33.65 10.60 -7.73
CA ALA B 60 34.98 10.06 -7.92
C ALA B 60 35.17 9.50 -9.31
N ARG B 61 34.27 8.64 -9.76
CA ARG B 61 34.44 8.09 -11.08
C ARG B 61 34.39 9.30 -12.01
N GLU B 62 33.34 10.11 -11.89
CA GLU B 62 33.17 11.32 -12.73
C GLU B 62 34.47 12.06 -12.86
N MET B 63 35.02 12.47 -11.72
CA MET B 63 36.24 13.21 -11.70
C MET B 63 37.34 12.48 -12.41
N LYS B 64 37.56 11.23 -12.03
CA LYS B 64 38.62 10.43 -12.65
C LYS B 64 38.48 10.43 -14.16
N GLU B 65 37.24 10.48 -14.68
CA GLU B 65 37.02 10.52 -16.13
C GLU B 65 37.60 11.84 -16.64
N ARG B 66 36.97 12.96 -16.33
CA ARG B 66 37.47 14.25 -16.74
C ARG B 66 38.99 14.29 -16.70
N VAL B 67 39.53 14.29 -15.50
CA VAL B 67 40.96 14.37 -15.35
C VAL B 67 41.67 13.47 -16.30
N GLY B 68 41.28 12.21 -16.24
CA GLY B 68 41.86 11.19 -17.08
C GLY B 68 41.85 11.60 -18.54
N GLN B 69 40.87 12.35 -18.97
CA GLN B 69 40.89 12.70 -20.37
C GLN B 69 41.67 13.98 -20.74
N THR B 70 42.23 14.67 -19.74
CA THR B 70 43.01 15.85 -20.06
C THR B 70 44.47 15.46 -19.91
N LEU B 71 44.70 14.26 -19.38
CA LEU B 71 46.03 13.71 -19.25
C LEU B 71 45.90 12.30 -19.77
N GLY B 72 46.96 11.54 -19.69
CA GLY B 72 46.84 10.18 -20.17
C GLY B 72 47.10 9.23 -19.03
N ARG B 73 46.60 8.00 -19.21
CA ARG B 73 46.74 6.91 -18.23
C ARG B 73 48.07 7.03 -17.46
N LYS B 74 49.09 7.50 -18.16
CA LYS B 74 50.39 7.71 -17.56
C LYS B 74 50.17 8.51 -16.27
N GLU B 75 49.96 9.81 -16.41
CA GLU B 75 49.74 10.62 -15.23
C GLU B 75 48.37 10.31 -14.67
N ALA B 76 47.42 10.06 -15.55
CA ALA B 76 46.03 9.81 -15.14
C ALA B 76 45.62 8.65 -14.18
N ARG B 77 45.52 7.43 -14.72
CA ARG B 77 45.12 6.23 -13.94
C ARG B 77 45.98 6.02 -12.68
N GLY B 78 47.15 6.68 -12.62
CA GLY B 78 48.07 6.56 -11.51
C GLY B 78 48.01 7.66 -10.45
N LEU B 79 46.81 8.21 -10.28
CA LEU B 79 46.52 9.32 -9.38
C LEU B 79 45.47 8.93 -8.34
N MET B 80 45.57 9.53 -7.17
CA MET B 80 44.70 9.19 -6.07
C MET B 80 43.34 9.85 -5.90
N ILE B 81 42.39 9.54 -6.77
CA ILE B 81 41.08 10.15 -6.65
C ILE B 81 40.31 9.10 -5.97
N SER B 82 39.59 9.42 -4.92
CA SER B 82 38.80 8.39 -4.24
C SER B 82 37.81 8.94 -3.28
N THR B 83 36.99 8.05 -2.75
CA THR B 83 36.02 8.51 -1.79
C THR B 83 36.78 8.57 -0.50
N PHE B 84 36.13 9.03 0.55
CA PHE B 84 36.82 9.09 1.81
C PHE B 84 37.07 7.69 2.23
N HIS B 85 35.97 6.98 2.33
CA HIS B 85 36.01 5.61 2.76
C HIS B 85 37.04 4.78 2.02
N THR B 86 37.04 4.81 0.69
CA THR B 86 38.03 4.01 -0.01
C THR B 86 39.38 4.33 0.56
N LEU B 87 39.67 5.61 0.69
CA LEU B 87 40.94 5.99 1.24
C LEU B 87 41.06 5.45 2.66
N GLY B 88 40.15 5.87 3.51
CA GLY B 88 40.18 5.45 4.90
C GLY B 88 40.46 3.98 5.04
N LEU B 89 39.83 3.20 4.17
CA LEU B 89 40.00 1.77 4.18
C LEU B 89 41.39 1.46 3.82
N ASP B 90 41.75 1.93 2.64
CA ASP B 90 43.08 1.73 2.13
C ASP B 90 44.09 2.06 3.20
N ILE B 91 44.02 3.22 3.86
CA ILE B 91 44.97 3.49 4.95
C ILE B 91 45.00 2.27 5.84
N ILE B 92 43.84 1.80 6.31
CA ILE B 92 43.78 0.61 7.17
C ILE B 92 44.58 -0.50 6.49
N LYS B 93 44.06 -1.02 5.40
CA LYS B 93 44.75 -2.09 4.67
C LYS B 93 46.28 -1.89 4.57
N ARG B 94 46.66 -0.93 3.76
CA ARG B 94 48.05 -0.61 3.50
C ARG B 94 48.92 -0.68 4.74
N GLU B 95 48.60 0.08 5.79
CA GLU B 95 49.47 0.07 6.96
C GLU B 95 49.31 -1.17 7.81
N TYR B 96 48.37 -2.02 7.45
CA TYR B 96 48.22 -3.27 8.19
C TYR B 96 49.34 -4.08 7.56
N ALA B 97 49.52 -3.91 6.26
CA ALA B 97 50.55 -4.64 5.52
C ALA B 97 51.97 -4.26 5.95
N ALA B 98 52.18 -2.98 6.23
CA ALA B 98 53.49 -2.52 6.67
C ALA B 98 53.77 -3.24 7.98
N LEU B 99 52.68 -3.50 8.71
CA LEU B 99 52.71 -4.20 9.97
C LEU B 99 52.63 -5.70 9.69
N GLY B 100 52.34 -6.05 8.44
CA GLY B 100 52.23 -7.43 8.01
C GLY B 100 51.13 -8.25 8.71
N MET B 101 49.96 -7.64 8.93
CA MET B 101 48.84 -8.34 9.58
C MET B 101 47.73 -8.74 8.60
N LYS B 102 46.87 -9.68 9.00
CA LYS B 102 45.78 -10.14 8.13
C LYS B 102 44.56 -9.24 8.25
N ALA B 103 44.24 -8.53 7.18
CA ALA B 103 43.06 -7.70 7.19
C ALA B 103 41.88 -8.57 6.77
N ASN B 104 41.28 -9.24 7.77
CA ASN B 104 40.12 -10.13 7.57
C ASN B 104 38.86 -9.67 8.30
N PHE B 105 38.82 -8.40 8.68
CA PHE B 105 37.67 -7.84 9.36
C PHE B 105 36.52 -7.90 8.37
N SER B 106 35.37 -7.37 8.71
CA SER B 106 34.26 -7.42 7.77
C SER B 106 33.55 -6.08 7.57
N LEU B 107 33.36 -5.68 6.32
CA LEU B 107 32.69 -4.42 6.15
C LEU B 107 31.22 -4.64 6.32
N PHE B 108 30.68 -3.99 7.34
CA PHE B 108 29.28 -4.14 7.59
C PHE B 108 28.43 -3.14 6.87
N ASP B 109 28.00 -3.56 5.68
CA ASP B 109 27.13 -2.72 4.88
C ASP B 109 25.95 -2.42 5.79
N ASP B 110 25.61 -1.14 5.86
CA ASP B 110 24.53 -0.65 6.71
C ASP B 110 23.36 -1.62 6.97
N THR B 111 22.86 -2.26 5.93
CA THR B 111 21.75 -3.18 6.09
C THR B 111 22.18 -4.18 7.15
N ASP B 112 23.30 -4.83 6.87
CA ASP B 112 23.91 -5.81 7.75
C ASP B 112 23.95 -5.21 9.14
N GLN B 113 24.22 -3.91 9.19
CA GLN B 113 24.30 -3.17 10.45
C GLN B 113 22.96 -3.11 11.17
N LEU B 114 21.98 -2.43 10.56
CA LEU B 114 20.62 -2.28 11.11
C LEU B 114 20.11 -3.56 11.74
N ALA B 115 20.12 -4.63 10.93
CA ALA B 115 19.66 -5.96 11.34
C ALA B 115 20.30 -6.38 12.68
N LEU B 116 21.64 -6.45 12.68
CA LEU B 116 22.39 -6.79 13.86
C LEU B 116 21.80 -6.02 15.02
N LEU B 117 21.51 -4.73 14.79
CA LEU B 117 20.90 -3.89 15.81
C LEU B 117 19.57 -4.52 16.18
N LYS B 118 18.69 -4.69 15.19
CA LYS B 118 17.39 -5.27 15.43
C LYS B 118 17.48 -6.36 16.46
N GLU B 119 18.30 -7.36 16.17
CA GLU B 119 18.45 -8.45 17.10
C GLU B 119 18.92 -7.90 18.42
N LEU B 120 20.10 -7.31 18.41
CA LEU B 120 20.68 -6.77 19.61
C LEU B 120 19.79 -5.77 20.29
N THR B 121 18.72 -5.36 19.61
CA THR B 121 17.82 -4.40 20.17
C THR B 121 16.37 -4.82 20.07
N GLU B 122 16.01 -5.88 20.78
CA GLU B 122 14.62 -6.31 20.70
C GLU B 122 13.68 -5.73 21.74
N GLY B 123 13.46 -6.47 22.83
CA GLY B 123 12.56 -6.00 23.87
C GLY B 123 12.89 -4.61 24.36
N LEU B 124 14.14 -4.20 24.13
CA LEU B 124 14.68 -2.90 24.49
C LEU B 124 14.04 -1.80 23.67
N ILE B 125 13.99 -2.02 22.36
CA ILE B 125 13.36 -1.02 21.55
C ILE B 125 12.40 -1.50 20.49
N GLU B 126 11.36 -0.71 20.39
CA GLU B 126 10.23 -0.87 19.52
C GLU B 126 10.55 -1.30 18.07
N ASP B 127 10.20 -2.54 17.72
CA ASP B 127 10.44 -3.12 16.39
C ASP B 127 9.94 -2.17 15.30
N ASP B 128 10.68 -1.11 15.04
CA ASP B 128 10.27 -0.14 14.05
C ASP B 128 11.42 0.45 13.26
N LYS B 129 11.16 0.63 11.96
CA LYS B 129 12.13 1.20 11.02
C LYS B 129 12.64 2.52 11.54
N VAL B 130 11.86 3.58 11.28
CA VAL B 130 12.15 4.96 11.68
C VAL B 130 12.90 5.04 12.99
N LEU B 131 12.62 4.08 13.87
CA LEU B 131 13.27 4.00 15.16
C LEU B 131 14.71 3.58 14.92
N LEU B 132 14.90 2.34 14.46
CA LEU B 132 16.22 1.78 14.19
C LEU B 132 17.12 2.86 13.60
N GLN B 133 16.58 3.51 12.56
CA GLN B 133 17.25 4.58 11.87
C GLN B 133 17.92 5.51 12.84
N GLN B 134 17.13 6.26 13.60
CA GLN B 134 17.71 7.18 14.58
C GLN B 134 18.80 6.43 15.31
N LEU B 135 18.50 5.24 15.80
CA LEU B 135 19.48 4.44 16.50
C LEU B 135 20.77 4.35 15.68
N ILE B 136 20.65 3.84 14.46
CA ILE B 136 21.81 3.73 13.59
C ILE B 136 22.53 5.07 13.51
N SER B 137 21.89 6.02 12.85
CA SER B 137 22.42 7.36 12.67
C SER B 137 23.06 7.87 13.92
N THR B 138 22.24 8.12 14.93
CA THR B 138 22.70 8.63 16.23
C THR B 138 23.93 7.86 16.69
N ILE B 139 24.00 6.58 16.33
CA ILE B 139 25.13 5.75 16.69
C ILE B 139 26.33 6.11 15.80
N SER B 140 26.06 6.22 14.51
CA SER B 140 27.10 6.57 13.55
C SER B 140 27.65 7.95 13.87
N ASN B 141 27.09 8.63 14.85
CA ASN B 141 27.57 9.95 15.17
C ASN B 141 28.40 10.08 16.41
N TRP B 142 28.09 9.34 17.46
CA TRP B 142 28.96 9.42 18.65
C TRP B 142 30.26 8.91 18.09
N LYS B 143 30.11 8.08 17.07
CA LYS B 143 31.27 7.55 16.44
C LYS B 143 31.93 8.75 15.78
N ASN B 144 31.26 9.34 14.79
CA ASN B 144 31.77 10.50 14.06
C ASN B 144 32.18 11.63 14.96
N ASP B 145 32.06 11.44 16.27
CA ASP B 145 32.47 12.45 17.22
C ASP B 145 33.49 11.77 18.10
N LEU B 146 34.25 10.88 17.48
CA LEU B 146 35.31 10.12 18.15
C LEU B 146 34.99 9.86 19.62
N LYS B 147 33.77 9.36 19.87
CA LYS B 147 33.30 9.11 21.24
C LYS B 147 32.94 7.66 21.58
N THR B 148 33.35 7.23 22.77
CA THR B 148 33.12 5.88 23.31
C THR B 148 31.66 5.65 23.63
N PRO B 149 31.25 4.39 23.70
CA PRO B 149 29.86 4.03 24.02
C PRO B 149 29.54 4.34 25.50
N SER B 150 30.57 4.85 26.18
CA SER B 150 30.56 5.19 27.60
C SER B 150 30.53 6.72 27.79
N GLN B 151 31.52 7.39 27.22
CA GLN B 151 31.61 8.85 27.27
C GLN B 151 30.35 9.41 26.60
N ALA B 152 29.73 8.58 25.76
CA ALA B 152 28.51 8.93 25.06
C ALA B 152 27.33 8.89 26.01
N ALA B 153 27.40 8.02 27.01
CA ALA B 153 26.31 7.88 28.00
C ALA B 153 26.36 9.11 28.87
N ALA B 154 27.55 9.71 28.93
CA ALA B 154 27.77 10.94 29.68
C ALA B 154 27.06 12.00 28.83
N SER B 155 27.51 12.13 27.58
CA SER B 155 26.93 13.06 26.63
C SER B 155 25.58 12.47 26.15
N ALA B 156 24.75 12.05 27.11
CA ALA B 156 23.44 11.46 26.85
C ALA B 156 22.39 12.13 27.71
N ILE B 157 21.37 12.67 27.06
CA ILE B 157 20.30 13.37 27.76
C ILE B 157 18.94 13.03 27.20
N GLY B 158 18.19 12.26 27.98
CA GLY B 158 16.87 11.83 27.55
C GLY B 158 16.80 10.34 27.80
N GLU B 159 15.58 9.77 27.88
CA GLU B 159 15.47 8.33 28.12
C GLU B 159 15.84 7.42 26.96
N ARG B 160 15.03 7.36 25.90
CA ARG B 160 15.36 6.50 24.77
C ARG B 160 16.81 6.77 24.26
N ASP B 161 17.38 7.91 24.69
CA ASP B 161 18.74 8.28 24.34
C ASP B 161 19.76 7.49 25.20
N ARG B 162 19.59 7.53 26.52
CA ARG B 162 20.51 6.81 27.41
C ARG B 162 20.39 5.30 27.10
N ILE B 163 19.26 4.94 26.50
CA ILE B 163 18.94 3.58 26.06
C ILE B 163 19.91 3.28 24.94
N PHE B 164 19.81 4.14 23.92
CA PHE B 164 20.63 4.08 22.75
C PHE B 164 22.07 3.89 23.15
N ALA B 165 22.56 4.80 23.99
CA ALA B 165 23.94 4.75 24.45
C ALA B 165 24.25 3.32 24.85
N HIS B 166 23.35 2.77 25.62
CA HIS B 166 23.52 1.42 26.06
C HIS B 166 23.60 0.57 24.83
N CYS B 167 22.52 0.55 24.05
CA CYS B 167 22.46 -0.24 22.83
C CYS B 167 23.71 -0.06 22.02
N TYR B 168 24.20 1.17 22.03
CA TYR B 168 25.42 1.49 21.32
C TYR B 168 26.44 0.61 21.96
N GLY B 169 26.59 0.77 23.26
CA GLY B 169 27.54 -0.02 24.00
C GLY B 169 27.50 -1.43 23.48
N LEU B 170 26.29 -1.94 23.29
CA LEU B 170 26.05 -3.29 22.79
C LEU B 170 26.54 -3.47 21.35
N TYR B 171 26.29 -2.44 20.53
CA TYR B 171 26.69 -2.45 19.13
C TYR B 171 28.19 -2.58 19.04
N ASP B 172 28.88 -1.51 19.39
CA ASP B 172 30.35 -1.48 19.39
C ASP B 172 30.90 -2.75 20.02
N ALA B 173 30.18 -3.22 21.03
CA ALA B 173 30.58 -4.42 21.75
C ALA B 173 30.64 -5.61 20.83
N HIS B 174 29.54 -5.93 20.15
CA HIS B 174 29.50 -7.07 19.23
C HIS B 174 30.53 -6.90 18.09
N LEU B 175 30.61 -5.70 17.52
CA LEU B 175 31.53 -5.41 16.40
C LEU B 175 32.97 -5.78 16.71
N LYS B 176 33.49 -5.08 17.71
CA LYS B 176 34.86 -5.21 18.24
C LYS B 176 35.23 -6.65 18.45
N ALA B 177 34.21 -7.44 18.79
CA ALA B 177 34.33 -8.86 19.07
C ALA B 177 34.40 -9.79 17.90
N CYS B 178 33.36 -9.76 17.08
CA CYS B 178 33.33 -10.62 15.91
C CYS B 178 34.28 -10.14 14.85
N ASN B 179 34.91 -8.97 15.08
CA ASN B 179 35.87 -8.33 14.16
C ASN B 179 35.30 -7.89 12.83
N VAL B 180 34.45 -6.89 12.93
CA VAL B 180 33.80 -6.37 11.78
C VAL B 180 33.75 -4.91 12.06
N LEU B 181 33.59 -4.11 11.01
CA LEU B 181 33.54 -2.68 11.15
C LEU B 181 32.56 -2.05 10.19
N ASP B 182 31.73 -1.16 10.71
CA ASP B 182 30.76 -0.48 9.87
C ASP B 182 31.59 0.58 9.21
N PHE B 183 31.03 1.18 8.14
CA PHE B 183 31.74 2.21 7.40
C PHE B 183 32.40 3.31 8.21
N ASP B 184 31.69 3.81 9.20
CA ASP B 184 32.28 4.88 9.98
C ASP B 184 33.63 4.45 10.53
N ASP B 185 33.81 3.17 10.83
CA ASP B 185 35.12 2.78 11.36
C ASP B 185 36.23 3.00 10.33
N LEU B 186 35.84 2.99 9.07
CA LEU B 186 36.81 3.16 8.03
C LEU B 186 37.53 4.49 8.12
N ILE B 187 36.83 5.49 8.62
CA ILE B 187 37.49 6.75 8.73
C ILE B 187 38.15 6.84 10.11
N LEU B 188 37.39 6.48 11.16
CA LEU B 188 37.83 6.57 12.56
C LEU B 188 39.02 5.73 12.92
N LEU B 189 39.31 4.78 12.07
CA LEU B 189 40.42 3.92 12.35
C LEU B 189 41.70 4.55 11.91
N PRO B 190 41.86 4.85 10.60
CA PRO B 190 43.09 5.46 10.12
C PRO B 190 43.36 6.68 10.97
N THR B 191 42.39 7.58 11.04
CA THR B 191 42.55 8.79 11.84
C THR B 191 43.29 8.48 13.12
N LEU B 192 42.72 7.59 13.93
CA LEU B 192 43.35 7.24 15.21
C LEU B 192 44.72 6.67 14.94
N LEU B 193 44.73 5.62 14.13
CA LEU B 193 45.94 4.95 13.73
C LEU B 193 47.01 5.98 13.34
N LEU B 194 46.56 7.03 12.64
CA LEU B 194 47.42 8.09 12.15
C LEU B 194 47.91 9.09 13.17
N GLN B 195 47.05 9.52 14.08
CA GLN B 195 47.50 10.49 15.07
C GLN B 195 48.30 9.86 16.21
N ALA B 196 48.02 8.61 16.51
CA ALA B 196 48.73 7.91 17.58
C ALA B 196 50.18 7.54 17.23
N ASN B 197 50.46 7.36 15.95
CA ASN B 197 51.81 7.00 15.52
C ASN B 197 52.36 8.03 14.55
N GLU B 198 53.66 8.32 14.64
CA GLU B 198 54.31 9.29 13.78
C GLU B 198 54.93 8.66 12.50
N GLU B 199 55.58 7.50 12.65
CA GLU B 199 56.19 6.81 11.51
C GLU B 199 55.24 6.75 10.30
N VAL B 200 54.02 6.32 10.56
CA VAL B 200 53.02 6.21 9.53
C VAL B 200 52.62 7.58 9.03
N ARG B 201 52.18 8.42 9.97
CA ARG B 201 51.72 9.75 9.66
C ARG B 201 52.53 10.34 8.52
N LYS B 202 53.82 10.55 8.79
CA LYS B 202 54.73 11.12 7.81
C LYS B 202 54.58 10.41 6.50
N ARG B 203 54.73 9.08 6.55
CA ARG B 203 54.62 8.24 5.38
C ARG B 203 53.48 8.71 4.49
N TRP B 204 52.33 8.98 5.10
CA TRP B 204 51.16 9.44 4.37
C TRP B 204 51.27 10.92 4.05
N GLN B 205 51.84 11.67 4.97
CA GLN B 205 52.04 13.10 4.81
C GLN B 205 52.89 13.30 3.56
N ASN B 206 53.71 12.29 3.26
CA ASN B 206 54.64 12.25 2.10
C ASN B 206 54.05 11.60 0.85
N LYS B 207 52.98 10.85 1.02
CA LYS B 207 52.35 10.23 -0.13
C LYS B 207 51.40 11.29 -0.69
N ILE B 208 50.49 11.79 0.16
CA ILE B 208 49.56 12.82 -0.27
C ILE B 208 50.20 14.19 -0.12
N ARG B 209 51.04 14.57 -1.09
CA ARG B 209 51.73 15.87 -1.07
C ARG B 209 50.79 17.04 -1.30
N TYR B 210 49.69 16.77 -1.99
CA TYR B 210 48.69 17.78 -2.23
C TYR B 210 47.34 17.14 -2.27
N LEU B 211 46.43 17.70 -1.50
CA LEU B 211 45.10 17.16 -1.45
C LEU B 211 44.08 18.20 -1.68
N LEU B 212 43.03 17.74 -2.32
CA LEU B 212 41.92 18.55 -2.65
C LEU B 212 40.71 17.74 -2.18
N VAL B 213 39.71 18.37 -1.59
CA VAL B 213 38.54 17.67 -1.13
C VAL B 213 37.30 18.36 -1.57
N ASP B 214 36.46 17.68 -2.32
CA ASP B 214 35.21 18.30 -2.79
C ASP B 214 34.14 18.21 -1.70
N GLU B 215 32.98 18.79 -1.99
CA GLU B 215 31.81 18.80 -1.13
C GLU B 215 32.17 18.88 0.34
N TYR B 216 32.97 19.88 0.69
CA TYR B 216 33.46 20.06 2.04
C TYR B 216 32.43 20.34 3.10
N GLN B 217 31.35 20.96 2.68
CA GLN B 217 30.28 21.29 3.59
C GLN B 217 29.70 20.03 4.23
N ASP B 218 29.96 18.86 3.63
CA ASP B 218 29.46 17.58 4.16
C ASP B 218 30.42 16.90 5.10
N THR B 219 31.63 17.40 5.17
CA THR B 219 32.66 16.82 6.05
C THR B 219 32.19 16.62 7.49
N ASN B 220 32.35 15.43 8.05
CA ASN B 220 32.01 15.31 9.45
C ASN B 220 33.35 15.35 10.20
N THR B 221 33.29 15.16 11.50
CA THR B 221 34.47 15.25 12.33
C THR B 221 35.61 14.38 11.93
N SER B 222 35.44 13.08 12.11
CA SER B 222 36.52 12.16 11.79
C SER B 222 37.09 12.56 10.46
N GLN B 223 36.19 12.72 9.49
CA GLN B 223 36.54 13.13 8.14
C GLN B 223 37.56 14.25 8.27
N TYR B 224 37.06 15.38 8.70
CA TYR B 224 37.85 16.56 8.89
C TYR B 224 39.15 16.24 9.60
N GLU B 225 39.04 15.62 10.77
CA GLU B 225 40.23 15.31 11.52
C GLU B 225 41.24 14.54 10.70
N LEU B 226 40.73 13.60 9.88
CA LEU B 226 41.57 12.77 9.01
C LEU B 226 42.34 13.71 8.10
N VAL B 227 41.59 14.62 7.51
CA VAL B 227 42.17 15.61 6.62
C VAL B 227 43.35 16.22 7.35
N LYS B 228 43.04 16.96 8.40
CA LYS B 228 44.05 17.62 9.20
C LYS B 228 45.31 16.79 9.33
N LEU B 229 45.11 15.54 9.74
CA LEU B 229 46.21 14.65 9.92
C LEU B 229 46.97 14.53 8.64
N LEU B 230 46.25 14.14 7.59
CA LEU B 230 46.84 13.93 6.28
C LEU B 230 47.63 15.11 5.85
N VAL B 231 47.01 16.26 5.93
CA VAL B 231 47.65 17.50 5.54
C VAL B 231 48.70 18.08 6.52
N GLY B 232 48.76 17.57 7.75
CA GLY B 232 49.74 18.07 8.72
C GLY B 232 50.04 19.57 8.75
N SER B 233 51.31 19.95 8.49
CA SER B 233 51.75 21.37 8.51
C SER B 233 51.90 22.19 7.22
N ARG B 234 52.18 21.54 6.09
CA ARG B 234 52.33 22.27 4.83
C ARG B 234 51.03 22.96 4.40
N ALA B 235 49.90 22.32 4.69
CA ALA B 235 48.58 22.88 4.34
C ALA B 235 48.35 22.94 2.85
N ARG B 236 49.27 22.33 2.10
CA ARG B 236 49.15 22.32 0.66
C ARG B 236 47.86 21.57 0.37
N PHE B 237 46.77 22.29 0.12
CA PHE B 237 45.52 21.61 -0.18
C PHE B 237 44.48 22.58 -0.61
N THR B 238 43.31 22.08 -0.95
CA THR B 238 42.27 22.97 -1.34
C THR B 238 40.92 22.40 -1.14
N VAL B 239 40.33 22.61 0.02
CA VAL B 239 38.99 22.07 0.15
C VAL B 239 38.03 22.98 -0.57
N VAL B 240 36.93 22.41 -1.06
CA VAL B 240 35.92 23.18 -1.81
C VAL B 240 34.47 22.95 -1.38
N GLY B 241 33.68 24.02 -1.33
CA GLY B 241 32.30 23.88 -0.91
C GLY B 241 31.40 25.09 -0.90
N ASP B 242 30.42 25.07 0.03
CA ASP B 242 29.39 26.09 0.20
C ASP B 242 28.55 25.78 1.43
N ASP B 243 28.85 26.39 2.58
CA ASP B 243 28.05 26.08 3.77
C ASP B 243 26.52 26.26 3.56
N ASP B 244 26.14 27.00 2.51
CA ASP B 244 24.73 27.23 2.15
C ASP B 244 24.13 25.98 1.56
N GLN B 245 24.96 24.97 1.34
CA GLN B 245 24.47 23.73 0.79
C GLN B 245 24.62 22.57 1.80
N SER B 246 25.00 22.91 3.03
CA SER B 246 25.17 21.91 4.10
C SER B 246 23.78 21.38 4.54
N ILE B 247 23.34 20.24 4.00
CA ILE B 247 22.02 19.75 4.39
C ILE B 247 21.94 18.42 5.14
N TYR B 248 23.02 17.64 5.12
CA TYR B 248 23.06 16.35 5.84
C TYR B 248 23.75 16.60 7.17
N SER B 249 23.32 17.66 7.86
CA SER B 249 23.88 18.03 9.15
C SER B 249 23.47 17.00 10.19
N TRP B 250 22.27 16.47 10.02
CA TRP B 250 21.76 15.51 10.94
C TRP B 250 22.52 14.20 10.88
N ARG B 251 23.33 14.01 9.85
CA ARG B 251 24.11 12.78 9.79
C ARG B 251 25.62 12.98 10.05
N GLY B 252 25.95 13.95 10.90
CA GLY B 252 27.34 14.16 11.27
C GLY B 252 28.10 15.28 10.61
N ALA B 253 27.47 15.92 9.62
CA ALA B 253 28.11 17.00 8.89
C ALA B 253 28.19 18.26 9.71
N ARG B 254 29.40 18.70 10.02
CA ARG B 254 29.53 19.96 10.75
C ARG B 254 29.36 21.07 9.69
N PRO B 255 28.30 21.86 9.85
CA PRO B 255 28.02 22.95 8.90
C PRO B 255 29.10 23.99 8.97
N GLN B 256 29.50 24.25 10.22
CA GLN B 256 30.49 25.23 10.59
C GLN B 256 31.87 24.83 10.14
N ASN B 257 31.95 23.77 9.37
CA ASN B 257 33.25 23.34 8.91
C ASN B 257 34.03 24.45 8.22
N LEU B 258 33.36 25.10 7.26
CA LEU B 258 33.93 26.20 6.48
C LEU B 258 34.56 27.17 7.43
N VAL B 259 33.95 27.27 8.59
CA VAL B 259 34.44 28.17 9.60
C VAL B 259 35.52 27.49 10.39
N LEU B 260 35.19 26.39 11.07
CA LEU B 260 36.16 25.65 11.88
C LEU B 260 37.48 25.69 11.17
N LEU B 261 37.42 25.45 9.86
CA LEU B 261 38.60 25.44 9.02
C LEU B 261 39.36 26.72 9.19
N SER B 262 38.63 27.81 9.00
CA SER B 262 39.14 29.18 9.08
C SER B 262 40.01 29.39 10.30
N GLN B 263 39.86 28.55 11.32
CA GLN B 263 40.64 28.69 12.55
C GLN B 263 41.90 27.82 12.77
N ASP B 264 41.76 26.49 12.74
CA ASP B 264 42.90 25.57 12.97
C ASP B 264 43.96 25.75 11.89
N PHE B 265 43.59 26.57 10.90
CA PHE B 265 44.41 26.95 9.77
C PHE B 265 44.62 28.47 9.58
N PRO B 266 45.83 28.95 9.92
CA PRO B 266 46.30 30.34 9.85
C PRO B 266 45.94 31.14 8.60
N ALA B 267 46.60 30.82 7.49
CA ALA B 267 46.41 31.53 6.22
C ALA B 267 45.35 30.94 5.29
N LEU B 268 44.17 30.60 5.79
CA LEU B 268 43.19 30.06 4.86
C LEU B 268 42.87 31.17 3.90
N LYS B 269 42.82 30.82 2.63
CA LYS B 269 42.56 31.83 1.65
C LYS B 269 41.30 31.53 0.89
N VAL B 270 40.18 31.95 1.42
CA VAL B 270 38.95 31.68 0.74
C VAL B 270 39.00 32.33 -0.57
N ILE B 271 38.61 31.58 -1.60
CA ILE B 271 38.53 32.06 -2.97
C ILE B 271 37.09 31.72 -3.22
N LYS B 272 36.33 32.64 -3.77
CA LYS B 272 34.93 32.32 -3.98
C LYS B 272 34.37 32.45 -5.37
N LEU B 273 33.99 31.31 -5.92
CA LEU B 273 33.40 31.32 -7.23
C LEU B 273 31.95 31.75 -7.01
N GLU B 274 31.49 32.77 -7.74
CA GLU B 274 30.11 33.28 -7.59
C GLU B 274 29.25 33.36 -8.85
N GLN B 275 29.81 33.05 -9.99
CA GLN B 275 29.02 33.16 -11.19
C GLN B 275 28.30 31.89 -11.54
N ASN B 276 26.96 31.92 -11.56
CA ASN B 276 26.18 30.73 -11.92
C ASN B 276 26.20 30.72 -13.43
N TYR B 277 25.86 29.59 -14.00
CA TYR B 277 25.85 29.48 -15.44
C TYR B 277 24.70 28.54 -15.77
N ARG B 278 23.77 28.36 -14.84
CA ARG B 278 22.67 27.43 -15.07
C ARG B 278 21.22 27.92 -14.92
N SER B 279 20.93 28.54 -13.78
CA SER B 279 19.59 29.04 -13.54
C SER B 279 19.43 30.45 -14.05
N SER B 280 18.19 30.79 -14.40
CA SER B 280 17.84 32.13 -14.88
C SER B 280 18.10 33.13 -13.75
N GLY B 281 18.30 34.38 -14.13
CA GLY B 281 18.54 35.42 -13.13
C GLY B 281 17.45 35.52 -12.07
N ARG B 282 16.22 35.16 -12.43
CA ARG B 282 15.04 35.21 -11.52
C ARG B 282 15.15 34.17 -10.42
N ILE B 283 15.52 32.96 -10.86
CA ILE B 283 15.68 31.82 -9.98
C ILE B 283 16.71 32.26 -8.97
N LEU B 284 17.90 32.52 -9.50
CA LEU B 284 19.05 32.94 -8.71
C LEU B 284 18.65 34.07 -7.79
N LYS B 285 17.91 35.00 -8.39
CA LYS B 285 17.38 36.14 -7.68
C LYS B 285 16.75 35.55 -6.43
N ALA B 286 15.62 34.90 -6.65
CA ALA B 286 14.81 34.29 -5.62
C ALA B 286 15.66 33.59 -4.58
N ALA B 287 16.44 32.64 -5.07
CA ALA B 287 17.29 31.81 -4.23
C ALA B 287 18.29 32.61 -3.44
N ASN B 288 18.93 33.55 -4.10
CA ASN B 288 19.94 34.34 -3.45
C ASN B 288 19.35 35.12 -2.30
N ILE B 289 18.07 35.46 -2.46
CA ILE B 289 17.32 36.23 -1.47
C ILE B 289 16.90 35.32 -0.33
N LEU B 290 16.13 34.27 -0.63
CA LEU B 290 15.67 33.33 0.40
C LEU B 290 16.76 33.02 1.42
N ILE B 291 17.93 32.60 0.92
CA ILE B 291 19.08 32.23 1.74
C ILE B 291 19.54 33.31 2.71
N ALA B 292 19.37 34.56 2.31
CA ALA B 292 19.78 35.70 3.13
C ALA B 292 19.08 35.79 4.50
N ASN B 293 17.90 35.19 4.61
CA ASN B 293 17.18 35.23 5.88
C ASN B 293 18.00 34.48 6.94
N ASN B 294 18.81 33.52 6.46
CA ASN B 294 19.69 32.68 7.26
C ASN B 294 20.91 33.49 7.67
N PRO B 295 21.45 33.26 8.89
CA PRO B 295 22.63 34.01 9.38
C PRO B 295 23.82 33.77 8.49
N HIS B 296 24.74 34.73 8.42
CA HIS B 296 25.92 34.53 7.59
C HIS B 296 27.27 35.04 8.03
N VAL B 297 28.22 34.11 8.00
CA VAL B 297 29.61 34.34 8.37
C VAL B 297 30.40 34.45 7.06
N PHE B 298 29.88 33.80 6.02
CA PHE B 298 30.51 33.84 4.69
C PHE B 298 29.53 34.51 3.70
N GLU B 299 29.96 35.67 3.17
CA GLU B 299 29.17 36.50 2.24
C GLU B 299 29.42 36.36 0.73
N LYS B 300 28.36 35.98 0.02
CA LYS B 300 28.42 35.78 -1.41
C LYS B 300 27.03 36.02 -1.93
N ARG B 301 26.90 35.91 -3.24
CA ARG B 301 25.64 36.09 -3.93
C ARG B 301 25.73 35.53 -5.32
N LEU B 302 24.93 34.51 -5.58
CA LEU B 302 24.91 33.91 -6.90
C LEU B 302 24.51 35.03 -7.87
N PHE B 303 24.61 34.74 -9.16
CA PHE B 303 24.22 35.65 -10.23
C PHE B 303 24.66 35.11 -11.58
N SER B 304 23.71 34.73 -12.42
CA SER B 304 24.08 34.20 -13.73
C SER B 304 23.97 35.24 -14.82
N GLU B 305 24.58 34.91 -15.94
CA GLU B 305 24.56 35.75 -17.12
C GLU B 305 23.28 35.41 -17.86
N LEU B 306 22.92 34.14 -17.81
CA LEU B 306 21.70 33.65 -18.47
C LEU B 306 20.53 34.65 -18.30
N GLY B 307 19.69 34.73 -19.32
CA GLY B 307 18.56 35.63 -19.28
C GLY B 307 17.68 35.42 -18.06
N TYR B 308 17.11 36.53 -17.60
CA TYR B 308 16.17 36.55 -16.47
C TYR B 308 14.97 35.75 -17.04
N GLY B 309 14.34 34.92 -16.21
CA GLY B 309 13.26 34.11 -16.73
C GLY B 309 11.84 34.34 -16.27
N ALA B 310 11.00 33.36 -16.61
CA ALA B 310 9.60 33.37 -16.27
C ALA B 310 9.39 33.53 -14.78
N GLU B 311 8.18 33.97 -14.44
CA GLU B 311 7.78 34.18 -13.06
C GLU B 311 7.73 32.87 -12.31
N LEU B 312 8.12 32.93 -11.06
CA LEU B 312 8.07 31.76 -10.24
C LEU B 312 6.59 31.70 -9.89
N LYS B 313 5.93 30.65 -10.38
CA LYS B 313 4.50 30.45 -10.15
C LYS B 313 4.28 29.66 -8.84
N VAL B 314 3.15 29.91 -8.17
CA VAL B 314 2.87 29.18 -6.93
C VAL B 314 1.49 28.62 -6.82
N LEU B 315 1.29 27.52 -7.52
CA LEU B 315 0.02 26.82 -7.56
C LEU B 315 -0.46 26.34 -6.21
N SER B 316 -1.66 26.79 -5.84
CA SER B 316 -2.26 26.40 -4.58
C SER B 316 -3.27 25.33 -4.93
N ALA B 317 -3.07 24.13 -4.38
CA ALA B 317 -3.96 23.00 -4.60
C ALA B 317 -4.85 22.86 -3.36
N ASN B 318 -5.97 22.18 -3.50
CA ASN B 318 -6.87 22.01 -2.35
C ASN B 318 -6.56 20.80 -1.44
N ASN B 319 -6.30 19.64 -2.03
CA ASN B 319 -6.04 18.44 -1.25
C ASN B 319 -4.71 17.77 -1.60
N GLU B 320 -4.45 16.68 -0.89
CA GLU B 320 -3.26 15.87 -1.10
C GLU B 320 -3.20 15.49 -2.57
N GLU B 321 -4.33 15.01 -3.11
CA GLU B 321 -4.36 14.57 -4.49
C GLU B 321 -4.47 15.58 -5.62
N HIS B 322 -5.28 16.63 -5.44
CA HIS B 322 -5.41 17.62 -6.53
C HIS B 322 -4.01 18.23 -6.84
N GLU B 323 -3.11 18.24 -5.84
CA GLU B 323 -1.75 18.74 -6.03
C GLU B 323 -1.07 17.96 -7.15
N ALA B 324 -1.00 16.64 -6.96
CA ALA B 324 -0.39 15.76 -7.94
C ALA B 324 -1.14 15.90 -9.24
N GLU B 325 -2.46 16.06 -9.13
CA GLU B 325 -3.37 16.23 -10.26
C GLU B 325 -3.02 17.44 -11.14
N ARG B 326 -2.86 18.61 -10.52
CA ARG B 326 -2.52 19.80 -11.29
C ARG B 326 -1.12 19.68 -11.89
N VAL B 327 -0.18 19.24 -11.06
CA VAL B 327 1.20 19.07 -11.49
C VAL B 327 1.24 18.22 -12.74
N THR B 328 0.92 16.93 -12.61
CA THR B 328 0.95 16.04 -13.75
C THR B 328 0.23 16.71 -14.93
N GLY B 329 -0.88 17.36 -14.62
CA GLY B 329 -1.65 18.05 -15.64
C GLY B 329 -0.80 19.12 -16.32
N GLU B 330 -0.33 20.09 -15.54
CA GLU B 330 0.49 21.17 -16.11
C GLU B 330 1.76 20.61 -16.74
N LEU B 331 2.32 19.56 -16.13
CA LEU B 331 3.51 18.91 -16.64
C LEU B 331 3.23 18.56 -18.09
N ILE B 332 2.17 17.79 -18.27
CA ILE B 332 1.72 17.34 -19.59
C ILE B 332 1.58 18.50 -20.54
N ALA B 333 0.83 19.50 -20.11
CA ALA B 333 0.59 20.69 -20.92
C ALA B 333 1.92 21.26 -21.42
N HIS B 334 2.70 21.80 -20.47
CA HIS B 334 4.01 22.38 -20.77
C HIS B 334 4.83 21.59 -21.81
N HIS B 335 4.90 20.28 -21.60
CA HIS B 335 5.65 19.42 -22.50
C HIS B 335 5.01 19.39 -23.87
N PHE B 336 3.70 19.17 -23.90
CA PHE B 336 2.98 19.11 -25.17
C PHE B 336 3.37 20.30 -26.06
N VAL B 337 2.92 21.50 -25.65
CA VAL B 337 3.15 22.72 -26.42
C VAL B 337 4.61 23.22 -26.46
N ASN B 338 5.44 22.78 -25.52
CA ASN B 338 6.83 23.19 -25.57
C ASN B 338 7.72 22.08 -26.09
N LYS B 339 7.26 20.85 -25.92
CA LYS B 339 7.97 19.64 -26.32
C LYS B 339 9.36 19.64 -25.65
N THR B 340 9.47 18.93 -24.53
CA THR B 340 10.73 18.87 -23.78
C THR B 340 10.83 17.68 -22.79
N GLN B 341 11.07 16.47 -23.32
CA GLN B 341 11.18 15.22 -22.53
C GLN B 341 10.95 15.28 -21.03
N TYR B 342 10.12 14.38 -20.54
CA TYR B 342 9.82 14.35 -19.12
C TYR B 342 11.11 14.44 -18.31
N LYS B 343 12.23 14.14 -18.95
CA LYS B 343 13.51 14.21 -18.29
C LYS B 343 13.82 15.67 -17.94
N ASP B 344 13.34 16.56 -18.78
CA ASP B 344 13.58 17.95 -18.53
C ASP B 344 12.85 18.28 -17.24
N TYR B 345 11.89 17.43 -16.90
CA TYR B 345 11.06 17.66 -15.73
C TYR B 345 11.37 16.98 -14.41
N ALA B 346 11.38 17.78 -13.36
CA ALA B 346 11.67 17.27 -12.03
C ALA B 346 10.65 17.71 -11.01
N ILE B 347 10.25 16.78 -10.14
CA ILE B 347 9.30 17.10 -9.07
C ILE B 347 10.06 16.74 -7.83
N LEU B 348 10.11 17.67 -6.88
CA LEU B 348 10.84 17.38 -5.64
C LEU B 348 10.16 17.74 -4.33
N TYR B 349 10.16 16.73 -3.48
CA TYR B 349 9.53 16.75 -2.17
C TYR B 349 10.52 16.70 -1.01
N ARG B 350 10.03 17.01 0.18
CA ARG B 350 10.86 16.99 1.40
C ARG B 350 11.03 15.56 1.83
N GLY B 351 9.92 14.82 1.81
CA GLY B 351 9.87 13.40 2.19
C GLY B 351 9.31 12.49 1.10
N ASN B 352 9.33 11.18 1.34
CA ASN B 352 8.87 10.19 0.35
C ASN B 352 7.35 9.88 0.19
N HIS B 353 6.54 10.13 1.22
CA HIS B 353 5.09 9.87 1.14
C HIS B 353 4.44 10.67 0.04
N GLN B 354 4.87 11.91 -0.09
CA GLN B 354 4.33 12.80 -1.09
C GLN B 354 4.63 12.26 -2.48
N SER B 355 5.39 11.17 -2.56
CA SER B 355 5.71 10.56 -3.85
C SER B 355 4.47 9.76 -4.18
N ARG B 356 3.90 9.23 -3.10
CA ARG B 356 2.70 8.41 -3.13
C ARG B 356 1.47 9.25 -3.33
N VAL B 357 1.23 9.48 -4.61
CA VAL B 357 0.10 10.21 -5.16
C VAL B 357 0.54 10.77 -6.50
N PHE B 358 1.82 11.11 -6.60
CA PHE B 358 2.35 11.62 -7.86
C PHE B 358 2.64 10.41 -8.74
N GLU B 359 3.15 9.35 -8.12
CA GLU B 359 3.44 8.13 -8.86
C GLU B 359 2.16 7.74 -9.56
N LYS B 360 1.03 7.97 -8.90
CA LYS B 360 -0.29 7.66 -9.46
C LYS B 360 -0.51 8.42 -10.77
N PHE B 361 -0.97 9.66 -10.66
CA PHE B 361 -1.28 10.49 -11.81
C PHE B 361 -0.32 10.43 -13.03
N LEU B 362 0.98 10.37 -12.75
CA LEU B 362 1.98 10.30 -13.82
C LEU B 362 1.78 8.99 -14.55
N MET B 363 1.70 7.90 -13.78
CA MET B 363 1.48 6.57 -14.34
C MET B 363 0.04 6.49 -14.91
N GLN B 364 -0.91 7.14 -14.23
CA GLN B 364 -2.31 7.19 -14.67
C GLN B 364 -2.38 7.92 -16.01
N ASN B 365 -1.35 8.69 -16.33
CA ASN B 365 -1.34 9.40 -17.60
C ASN B 365 -0.32 8.88 -18.59
N ARG B 366 0.11 7.63 -18.41
CA ARG B 366 1.11 7.03 -19.29
C ARG B 366 2.42 7.82 -19.34
N ILE B 367 2.67 8.58 -18.27
CA ILE B 367 3.88 9.40 -18.14
C ILE B 367 4.94 8.49 -17.55
N PRO B 368 6.07 8.30 -18.27
CA PRO B 368 7.07 7.44 -17.62
C PRO B 368 7.89 8.35 -16.68
N TYR B 369 8.43 7.78 -15.62
CA TYR B 369 9.20 8.58 -14.68
C TYR B 369 10.10 7.69 -13.83
N LYS B 370 10.94 8.33 -13.02
CA LYS B 370 11.89 7.64 -12.14
C LYS B 370 11.68 8.11 -10.71
N ILE B 371 11.80 7.16 -9.79
CA ILE B 371 11.54 7.43 -8.38
C ILE B 371 12.75 7.62 -7.45
N SER B 372 13.18 8.86 -7.27
CA SER B 372 14.27 9.22 -6.35
C SER B 372 15.25 8.11 -5.92
N GLY B 373 14.99 7.47 -4.77
CA GLY B 373 15.89 6.42 -4.28
C GLY B 373 15.27 5.08 -3.94
N GLY B 374 15.69 4.02 -4.66
CA GLY B 374 15.13 2.71 -4.44
C GLY B 374 16.06 1.50 -4.26
N THR B 375 16.40 1.22 -3.00
CA THR B 375 17.25 0.09 -2.59
C THR B 375 18.39 -0.19 -3.55
N SER B 376 19.57 0.29 -3.18
CA SER B 376 20.72 0.08 -4.01
C SER B 376 20.77 -1.36 -4.50
N PHE B 377 21.26 -1.55 -5.71
CA PHE B 377 21.44 -2.86 -6.31
C PHE B 377 22.12 -3.71 -5.26
N PHE B 378 23.09 -3.11 -4.58
CA PHE B 378 23.85 -3.82 -3.54
C PHE B 378 23.09 -4.26 -2.32
N SER B 379 21.76 -4.28 -2.47
CA SER B 379 20.87 -4.71 -1.42
C SER B 379 19.87 -5.75 -1.85
N ARG B 380 19.78 -6.00 -3.13
CA ARG B 380 18.89 -7.06 -3.56
C ARG B 380 19.42 -8.38 -2.95
N PRO B 381 18.57 -9.12 -2.23
CA PRO B 381 18.96 -10.38 -1.62
C PRO B 381 19.78 -11.21 -2.54
N GLU B 382 19.25 -11.56 -3.71
CA GLU B 382 19.99 -12.38 -4.69
C GLU B 382 21.46 -11.94 -4.83
N ILE B 383 21.71 -10.64 -4.67
CA ILE B 383 23.07 -10.08 -4.71
C ILE B 383 23.77 -10.30 -3.38
N LYS B 384 23.30 -9.70 -2.30
CA LYS B 384 23.95 -9.90 -1.02
C LYS B 384 24.29 -11.38 -0.79
N ASP B 385 23.47 -12.30 -1.29
CA ASP B 385 23.77 -13.72 -1.17
C ASP B 385 25.09 -13.94 -1.95
N LEU B 386 25.00 -13.83 -3.26
CA LEU B 386 26.16 -14.02 -4.11
C LEU B 386 27.38 -13.33 -3.61
N LEU B 387 27.19 -12.18 -2.98
CA LEU B 387 28.31 -11.44 -2.49
C LEU B 387 28.96 -12.26 -1.41
N ALA B 388 28.16 -12.57 -0.40
CA ALA B 388 28.59 -13.38 0.73
C ALA B 388 29.56 -14.46 0.32
N TYR B 389 29.15 -15.33 -0.62
CA TYR B 389 30.03 -16.39 -1.10
C TYR B 389 31.38 -15.80 -1.40
N LEU B 390 31.39 -14.85 -2.33
CA LEU B 390 32.61 -14.19 -2.72
C LEU B 390 33.38 -13.72 -1.49
N ARG B 391 32.66 -13.10 -0.56
CA ARG B 391 33.27 -12.61 0.68
C ARG B 391 34.04 -13.79 1.32
N VAL B 392 33.30 -14.83 1.66
CA VAL B 392 33.82 -16.04 2.26
C VAL B 392 34.98 -16.61 1.42
N LEU B 393 34.77 -16.77 0.11
CA LEU B 393 35.84 -17.27 -0.75
C LEU B 393 37.10 -16.48 -0.51
N THR B 394 37.06 -15.18 -0.70
CA THR B 394 38.28 -14.43 -0.50
C THR B 394 38.67 -14.20 0.93
N ASN B 395 37.78 -14.46 1.88
CA ASN B 395 38.14 -14.31 3.29
C ASN B 395 37.36 -15.32 4.07
N PRO B 396 38.00 -16.42 4.39
CA PRO B 396 37.38 -17.49 5.13
C PRO B 396 37.11 -17.15 6.55
N ASP B 397 37.61 -16.00 7.00
CA ASP B 397 37.43 -15.55 8.38
C ASP B 397 36.19 -14.70 8.59
N ASP B 398 35.29 -14.72 7.63
CA ASP B 398 34.09 -13.93 7.72
C ASP B 398 32.83 -14.73 8.08
N ASP B 399 32.74 -15.14 9.36
CA ASP B 399 31.60 -15.88 9.89
C ASP B 399 30.31 -15.25 9.35
N SER B 400 30.15 -13.92 9.51
CA SER B 400 28.93 -13.22 9.08
C SER B 400 28.55 -13.72 7.74
N ALA B 401 29.52 -13.71 6.82
CA ALA B 401 29.24 -14.19 5.49
C ALA B 401 28.96 -15.68 5.44
N PHE B 402 29.68 -16.49 6.20
CA PHE B 402 29.46 -17.94 6.19
C PHE B 402 28.11 -18.09 6.74
N LEU B 403 27.92 -17.45 7.87
CA LEU B 403 26.67 -17.57 8.55
C LEU B 403 25.48 -17.33 7.66
N ARG B 404 25.63 -16.47 6.66
CA ARG B 404 24.52 -16.18 5.78
C ARG B 404 24.34 -17.13 4.64
N ILE B 405 25.39 -17.85 4.29
CA ILE B 405 25.40 -18.74 3.16
C ILE B 405 25.19 -20.22 3.39
N VAL B 406 25.77 -20.74 4.47
CA VAL B 406 25.73 -22.17 4.77
C VAL B 406 24.56 -22.92 4.25
N ASN B 407 23.42 -22.46 4.67
CA ASN B 407 22.25 -23.14 4.26
C ASN B 407 21.49 -22.43 3.22
N THR B 408 21.57 -21.11 3.24
CA THR B 408 20.81 -20.35 2.26
C THR B 408 20.69 -20.95 0.91
N PRO B 409 21.72 -20.99 0.08
CA PRO B 409 21.42 -21.61 -1.22
C PRO B 409 20.88 -22.99 -1.24
N LYS B 410 20.60 -23.46 -0.02
CA LYS B 410 19.95 -24.68 0.50
C LYS B 410 20.36 -26.14 0.55
N ARG B 411 21.27 -26.41 1.47
CA ARG B 411 21.77 -27.73 1.72
C ARG B 411 20.99 -28.04 2.97
N GLU B 412 21.34 -29.09 3.69
CA GLU B 412 20.62 -29.46 4.89
C GLU B 412 21.40 -29.27 6.18
N ILE B 413 21.86 -28.04 6.42
CA ILE B 413 22.69 -27.70 7.58
C ILE B 413 21.90 -26.98 8.66
N GLY B 414 21.21 -27.80 9.46
CA GLY B 414 20.38 -27.32 10.54
C GLY B 414 21.07 -26.50 11.59
N PRO B 415 20.34 -25.57 12.17
CA PRO B 415 20.80 -24.65 13.19
C PRO B 415 21.49 -25.35 14.33
N ALA B 416 21.25 -26.64 14.48
CA ALA B 416 21.90 -27.36 15.55
C ALA B 416 23.28 -27.50 14.98
N THR B 417 23.33 -28.24 13.89
CA THR B 417 24.58 -28.45 13.26
C THR B 417 25.33 -27.10 13.21
N LEU B 418 24.64 -25.98 13.10
CA LEU B 418 25.36 -24.71 13.11
C LEU B 418 25.68 -24.25 14.54
N LYS B 419 24.78 -24.53 15.45
CA LYS B 419 24.98 -24.15 16.83
C LYS B 419 26.28 -24.74 17.27
N LYS B 420 26.43 -26.05 17.08
CA LYS B 420 27.62 -26.80 17.47
C LYS B 420 28.93 -26.46 16.73
N LEU B 421 28.83 -26.01 15.48
CA LEU B 421 30.03 -25.64 14.70
C LEU B 421 30.55 -24.43 15.39
N GLY B 422 29.63 -23.50 15.56
CA GLY B 422 29.96 -22.27 16.24
C GLY B 422 30.67 -22.60 17.54
N GLU B 423 30.04 -23.33 18.46
CA GLU B 423 30.67 -23.68 19.76
C GLU B 423 32.05 -24.24 19.61
N TRP B 424 32.19 -25.25 18.76
CA TRP B 424 33.50 -25.79 18.57
C TRP B 424 34.38 -24.65 18.03
N ALA B 425 33.94 -24.04 16.95
CA ALA B 425 34.71 -22.95 16.35
C ALA B 425 34.99 -21.88 17.39
N MET B 426 34.09 -21.74 18.34
CA MET B 426 34.27 -20.73 19.36
C MET B 426 35.45 -21.05 20.22
N THR B 427 35.30 -22.11 20.98
CA THR B 427 36.33 -22.53 21.90
C THR B 427 37.72 -22.57 21.30
N ARG B 428 37.84 -23.15 20.12
CA ARG B 428 39.13 -23.25 19.44
C ARG B 428 39.51 -21.94 18.82
N ASN B 429 38.71 -20.94 19.08
CA ASN B 429 38.94 -19.61 18.56
C ASN B 429 39.37 -19.51 17.09
N LYS B 430 38.36 -19.62 16.20
CA LYS B 430 38.52 -19.54 14.75
C LYS B 430 37.20 -19.56 13.95
N SER B 431 37.32 -19.44 12.64
CA SER B 431 36.18 -19.43 11.74
C SER B 431 35.22 -20.63 11.80
N MET B 432 33.98 -20.40 11.40
CA MET B 432 33.06 -21.49 11.36
C MET B 432 33.59 -22.31 10.19
N PHE B 433 33.73 -21.66 9.06
CA PHE B 433 34.24 -22.32 7.90
C PHE B 433 35.46 -23.15 8.23
N THR B 434 36.47 -22.49 8.77
CA THR B 434 37.70 -23.19 9.08
C THR B 434 37.52 -24.25 10.10
N ALA B 435 36.78 -23.94 11.15
CA ALA B 435 36.52 -24.89 12.20
C ALA B 435 35.91 -26.11 11.60
N SER B 436 35.12 -25.89 10.57
CA SER B 436 34.41 -26.94 9.89
C SER B 436 35.28 -28.12 9.60
N PHE B 437 36.58 -27.96 9.74
CA PHE B 437 37.49 -29.03 9.42
C PHE B 437 38.24 -29.63 10.54
N ASP B 438 38.30 -28.95 11.66
CA ASP B 438 39.03 -29.54 12.77
C ASP B 438 38.49 -30.93 12.95
N MET B 439 39.39 -31.89 13.06
CA MET B 439 38.98 -33.27 13.23
C MET B 439 38.33 -33.43 14.55
N GLY B 440 38.58 -32.48 15.44
CA GLY B 440 37.95 -32.56 16.75
C GLY B 440 36.46 -32.24 16.74
N LEU B 441 36.02 -31.48 15.75
CA LEU B 441 34.62 -31.11 15.69
C LEU B 441 33.77 -32.35 15.53
N SER B 442 34.35 -33.33 14.87
CA SER B 442 33.68 -34.61 14.53
C SER B 442 32.93 -35.30 15.62
N GLN B 443 33.38 -35.03 16.83
CA GLN B 443 32.83 -35.62 18.01
C GLN B 443 31.74 -34.75 18.65
N THR B 444 31.94 -33.43 18.68
CA THR B 444 30.91 -32.56 19.27
C THR B 444 29.66 -32.77 18.39
N LEU B 445 29.86 -32.82 17.09
CA LEU B 445 28.75 -33.02 16.19
C LEU B 445 29.05 -34.08 15.16
N SER B 446 27.98 -34.74 14.71
CA SER B 446 28.07 -35.75 13.65
C SER B 446 26.64 -36.12 13.25
N GLY B 447 26.49 -37.20 12.54
CA GLY B 447 25.16 -37.56 12.14
C GLY B 447 25.08 -37.02 10.74
N ARG B 448 23.90 -36.51 10.35
CA ARG B 448 23.66 -35.98 9.02
C ARG B 448 24.10 -34.56 8.75
N GLY B 449 24.08 -33.74 9.80
CA GLY B 449 24.48 -32.35 9.67
C GLY B 449 25.92 -32.28 9.28
N TYR B 450 26.75 -32.99 10.05
CA TYR B 450 28.17 -33.01 9.80
C TYR B 450 28.39 -33.42 8.38
N GLU B 451 27.52 -34.29 7.88
CA GLU B 451 27.68 -34.79 6.54
C GLU B 451 27.42 -33.72 5.57
N ALA B 452 26.42 -32.91 5.89
CA ALA B 452 26.04 -31.84 5.02
C ALA B 452 27.04 -30.76 5.14
N LEU B 453 27.39 -30.46 6.37
CA LEU B 453 28.33 -29.46 6.67
C LEU B 453 29.56 -29.70 5.93
N THR B 454 30.21 -30.81 6.21
CA THR B 454 31.48 -31.08 5.52
C THR B 454 31.37 -31.01 4.02
N ARG B 455 30.46 -31.77 3.42
CA ARG B 455 30.23 -31.78 1.96
C ARG B 455 30.34 -30.34 1.47
N PHE B 456 29.55 -29.48 2.08
CA PHE B 456 29.52 -28.11 1.72
C PHE B 456 30.85 -27.43 1.83
N THR B 457 31.27 -27.15 3.06
CA THR B 457 32.52 -26.44 3.26
C THR B 457 33.63 -26.97 2.39
N HIS B 458 33.55 -28.24 2.03
CA HIS B 458 34.60 -28.80 1.16
C HIS B 458 34.46 -28.21 -0.22
N TRP B 459 33.30 -28.40 -0.81
CA TRP B 459 33.04 -27.89 -2.11
C TRP B 459 33.54 -26.49 -2.14
N LEU B 460 33.11 -25.74 -1.15
CA LEU B 460 33.51 -24.36 -1.07
C LEU B 460 35.03 -24.22 -1.15
N ALA B 461 35.72 -24.98 -0.31
CA ALA B 461 37.18 -24.99 -0.25
C ALA B 461 37.74 -25.19 -1.63
N GLU B 462 37.29 -26.26 -2.26
CA GLU B 462 37.72 -26.56 -3.60
C GLU B 462 37.56 -25.37 -4.52
N ILE B 463 36.43 -24.68 -4.43
CA ILE B 463 36.25 -23.52 -5.29
C ILE B 463 37.27 -22.55 -4.90
N GLN B 464 37.35 -22.31 -3.59
CA GLN B 464 38.28 -21.35 -3.04
C GLN B 464 39.64 -21.63 -3.66
N ARG B 465 40.08 -22.87 -3.51
CA ARG B 465 41.37 -23.29 -4.04
C ARG B 465 41.53 -22.86 -5.46
N LEU B 466 40.58 -23.27 -6.28
CA LEU B 466 40.53 -22.95 -7.70
C LEU B 466 40.55 -21.48 -8.02
N ALA B 467 39.54 -20.73 -7.59
CA ALA B 467 39.51 -19.28 -7.83
C ALA B 467 40.95 -18.66 -7.85
N GLU B 468 41.88 -19.26 -7.06
CA GLU B 468 43.28 -18.85 -6.93
C GLU B 468 43.90 -18.50 -8.27
N ARG B 469 43.50 -19.32 -9.22
CA ARG B 469 43.97 -19.28 -10.58
C ARG B 469 42.98 -18.73 -11.62
N GLU B 470 41.75 -19.25 -11.60
CA GLU B 470 40.68 -18.83 -12.54
C GLU B 470 39.45 -18.18 -11.84
N PRO B 471 39.63 -16.99 -11.25
CA PRO B 471 38.55 -16.32 -10.58
C PRO B 471 37.22 -16.51 -11.21
N ILE B 472 37.02 -16.03 -12.41
CA ILE B 472 35.70 -16.24 -12.98
C ILE B 472 35.29 -17.69 -13.03
N ALA B 473 36.06 -18.55 -13.65
CA ALA B 473 35.66 -19.96 -13.70
C ALA B 473 35.23 -20.49 -12.32
N ALA B 474 35.90 -20.01 -11.27
CA ALA B 474 35.54 -20.43 -9.94
C ALA B 474 34.15 -19.85 -9.67
N VAL B 475 34.03 -18.54 -9.65
CA VAL B 475 32.72 -17.97 -9.43
C VAL B 475 31.71 -18.62 -10.34
N ARG B 476 32.08 -18.77 -11.59
CA ARG B 476 31.21 -19.41 -12.56
C ARG B 476 30.73 -20.71 -12.00
N ASP B 477 31.65 -21.53 -11.51
CA ASP B 477 31.19 -22.80 -10.97
C ASP B 477 30.49 -22.67 -9.63
N LEU B 478 30.75 -21.59 -8.90
CA LEU B 478 30.10 -21.40 -7.63
C LEU B 478 28.62 -21.25 -7.88
N ILE B 479 28.32 -20.50 -8.95
CA ILE B 479 26.96 -20.23 -9.24
C ILE B 479 26.28 -21.47 -9.69
N HIS B 480 26.73 -21.99 -10.79
CA HIS B 480 26.10 -23.18 -11.31
C HIS B 480 26.13 -24.27 -10.27
N GLY B 481 27.15 -24.26 -9.44
CA GLY B 481 27.30 -25.34 -8.47
C GLY B 481 26.16 -25.58 -7.52
N MET B 482 25.69 -24.50 -6.90
CA MET B 482 24.60 -24.59 -5.97
C MET B 482 23.27 -24.42 -6.72
N ASP B 483 23.32 -24.21 -8.03
CA ASP B 483 22.09 -24.05 -8.77
C ASP B 483 21.33 -22.82 -8.27
N TYR B 484 22.02 -21.69 -8.07
CA TYR B 484 21.33 -20.53 -7.54
C TYR B 484 20.14 -20.18 -8.40
N GLU B 485 20.32 -20.27 -9.70
CA GLU B 485 19.22 -19.97 -10.63
C GLU B 485 17.97 -20.66 -10.13
N SER B 486 17.98 -21.98 -10.21
CA SER B 486 16.85 -22.76 -9.76
C SER B 486 16.41 -22.27 -8.41
N TRP B 487 17.36 -22.09 -7.51
CA TRP B 487 17.01 -21.63 -6.19
C TRP B 487 16.08 -20.47 -6.28
N LEU B 488 16.46 -19.47 -7.05
CA LEU B 488 15.64 -18.28 -7.15
C LEU B 488 14.26 -18.64 -7.65
N TYR B 489 14.21 -19.49 -8.65
CA TYR B 489 12.94 -19.89 -9.23
C TYR B 489 12.01 -20.59 -8.26
N GLU B 490 12.53 -20.99 -7.12
CA GLU B 490 11.72 -21.62 -6.14
C GLU B 490 11.41 -20.55 -5.11
N THR B 491 12.44 -19.87 -4.63
CA THR B 491 12.27 -18.84 -3.61
C THR B 491 11.49 -17.58 -4.03
N SER B 492 11.81 -17.08 -5.24
CA SER B 492 11.20 -15.88 -5.81
C SER B 492 9.71 -16.07 -6.02
N PRO B 493 8.92 -15.02 -5.81
CA PRO B 493 7.46 -14.97 -5.95
C PRO B 493 7.08 -15.44 -7.36
N SER B 494 6.75 -14.49 -8.22
CA SER B 494 6.44 -14.83 -9.59
C SER B 494 7.74 -15.35 -10.21
N PRO B 495 7.64 -15.97 -11.37
CA PRO B 495 8.82 -16.50 -12.06
C PRO B 495 9.65 -15.36 -12.63
N LYS B 496 8.96 -14.38 -13.21
CA LYS B 496 9.61 -13.19 -13.78
C LYS B 496 10.55 -12.52 -12.77
N ALA B 497 10.15 -12.43 -11.50
CA ALA B 497 11.02 -11.82 -10.50
C ALA B 497 12.29 -12.63 -10.36
N ALA B 498 12.14 -13.95 -10.48
CA ALA B 498 13.26 -14.86 -10.38
C ALA B 498 14.19 -14.49 -11.51
N GLU B 499 13.68 -14.56 -12.72
CA GLU B 499 14.46 -14.22 -13.91
C GLU B 499 15.18 -12.90 -13.71
N MET B 500 14.44 -11.94 -13.15
CA MET B 500 15.00 -10.65 -12.89
C MET B 500 16.08 -10.83 -11.84
N ARG B 501 15.70 -11.36 -10.67
CA ARG B 501 16.65 -11.60 -9.59
C ARG B 501 17.87 -12.23 -10.20
N MET B 502 17.63 -13.13 -11.15
CA MET B 502 18.71 -13.79 -11.83
C MET B 502 19.49 -12.84 -12.64
N LYS B 503 18.82 -12.12 -13.52
CA LYS B 503 19.52 -11.15 -14.33
C LYS B 503 20.46 -10.37 -13.44
N ASN B 504 19.94 -9.90 -12.31
CA ASN B 504 20.77 -9.13 -11.39
C ASN B 504 22.06 -9.90 -11.07
N VAL B 505 21.93 -11.21 -10.84
CA VAL B 505 23.06 -12.05 -10.51
C VAL B 505 24.08 -11.96 -11.64
N ASN B 506 23.63 -12.24 -12.86
CA ASN B 506 24.48 -12.14 -14.03
C ASN B 506 25.22 -10.84 -13.95
N GLN B 507 24.49 -9.75 -14.05
CA GLN B 507 25.14 -8.47 -14.00
C GLN B 507 26.28 -8.44 -13.05
N LEU B 508 26.03 -8.73 -11.79
CA LEU B 508 27.09 -8.67 -10.80
C LEU B 508 28.31 -9.43 -11.27
N PHE B 509 28.04 -10.63 -11.78
CA PHE B 509 29.05 -11.52 -12.33
C PHE B 509 29.92 -10.66 -13.25
N SER B 510 29.28 -10.22 -14.32
CA SER B 510 29.91 -9.38 -15.34
C SER B 510 30.74 -8.22 -14.79
N TRP B 511 30.18 -7.36 -13.94
CA TRP B 511 31.01 -6.27 -13.40
C TRP B 511 32.25 -6.89 -12.79
N MET B 512 32.03 -7.84 -11.88
CA MET B 512 33.14 -8.53 -11.26
C MET B 512 34.13 -8.87 -12.34
N THR B 513 33.65 -9.48 -13.41
CA THR B 513 34.50 -9.87 -14.50
C THR B 513 35.37 -8.76 -15.02
N GLU B 514 34.76 -7.84 -15.73
CA GLU B 514 35.52 -6.74 -16.30
C GLU B 514 36.38 -6.06 -15.24
N MET B 515 35.95 -6.12 -14.01
CA MET B 515 36.77 -5.52 -13.00
C MET B 515 38.08 -6.30 -12.96
N LEU B 516 37.95 -7.64 -12.96
CA LEU B 516 39.09 -8.58 -12.90
C LEU B 516 39.89 -8.49 -14.17
N GLU B 517 39.14 -8.60 -15.29
CA GLU B 517 39.66 -8.57 -16.66
C GLU B 517 40.42 -7.28 -16.96
N GLY B 518 40.29 -6.34 -16.02
CA GLY B 518 40.99 -5.07 -16.13
C GLY B 518 40.65 -4.10 -17.24
N SER B 519 40.59 -2.82 -16.84
CA SER B 519 40.31 -1.69 -17.72
C SER B 519 41.57 -1.11 -18.34
N GLU B 520 41.35 -0.37 -19.41
CA GLU B 520 42.41 0.32 -20.15
C GLU B 520 42.11 1.79 -19.78
N LEU B 521 42.37 2.07 -18.50
CA LEU B 521 42.14 3.34 -17.84
C LEU B 521 42.38 3.11 -16.35
N ASP B 522 42.12 1.87 -15.93
CA ASP B 522 42.30 1.42 -14.55
C ASP B 522 42.97 0.02 -14.59
N GLU B 523 44.02 -0.18 -13.79
CA GLU B 523 44.72 -1.46 -13.78
C GLU B 523 43.87 -2.61 -13.19
N PRO B 524 43.86 -3.83 -13.83
CA PRO B 524 43.11 -5.03 -13.43
C PRO B 524 43.11 -5.32 -11.94
N MET B 525 42.09 -6.07 -11.52
CA MET B 525 41.94 -6.34 -10.11
C MET B 525 42.00 -7.79 -9.80
N THR B 526 42.44 -8.05 -8.57
CA THR B 526 42.51 -9.37 -8.00
C THR B 526 41.10 -9.50 -7.48
N LEU B 527 40.63 -10.73 -7.39
CA LEU B 527 39.29 -10.94 -6.92
C LEU B 527 39.06 -10.44 -5.50
N THR B 528 40.08 -10.41 -4.67
CA THR B 528 39.82 -9.92 -3.33
C THR B 528 39.41 -8.47 -3.37
N GLN B 529 40.03 -7.75 -4.29
CA GLN B 529 39.72 -6.33 -4.44
C GLN B 529 38.33 -6.16 -5.04
N VAL B 530 38.11 -6.79 -6.21
CA VAL B 530 36.82 -6.76 -6.88
C VAL B 530 35.78 -6.79 -5.82
N VAL B 531 36.06 -7.61 -4.81
CA VAL B 531 35.15 -7.73 -3.71
C VAL B 531 35.05 -6.46 -2.89
N THR B 532 36.16 -6.05 -2.28
CA THR B 532 36.13 -4.86 -1.48
C THR B 532 35.35 -3.77 -2.19
N ARG B 533 35.50 -3.66 -3.51
CA ARG B 533 34.74 -2.67 -4.24
C ARG B 533 33.26 -2.88 -4.08
N PHE B 534 32.79 -4.05 -4.49
CA PHE B 534 31.38 -4.34 -4.34
C PHE B 534 30.98 -4.03 -2.89
N THR B 535 31.85 -4.35 -1.96
CA THR B 535 31.54 -4.08 -0.59
C THR B 535 31.27 -2.61 -0.35
N LEU B 536 31.96 -1.73 -1.08
CA LEU B 536 31.78 -0.27 -0.98
C LEU B 536 30.69 0.14 -1.93
N ARG B 537 30.12 -0.85 -2.59
CA ARG B 537 29.06 -0.60 -3.49
C ARG B 537 29.52 0.30 -4.59
N ASP B 538 30.74 0.04 -5.04
CA ASP B 538 31.24 0.79 -6.17
C ASP B 538 30.69 -0.09 -7.26
N MET B 539 29.41 0.10 -7.54
CA MET B 539 28.71 -0.67 -8.57
C MET B 539 29.17 -0.34 -9.96
N MET B 540 29.96 0.72 -10.07
CA MET B 540 30.44 1.22 -11.36
C MET B 540 29.23 1.23 -12.30
N GLU B 541 28.51 2.34 -12.23
CA GLU B 541 27.26 2.63 -12.97
C GLU B 541 27.25 2.37 -14.51
N ARG B 542 28.24 2.94 -15.21
CA ARG B 542 28.41 2.82 -16.68
C ARG B 542 29.30 1.63 -17.10
N GLU B 546 24.34 8.07 -22.74
CA GLU B 546 24.44 7.27 -23.96
C GLU B 546 23.07 6.99 -24.62
N GLU B 547 22.07 6.74 -23.76
CA GLU B 547 20.66 6.45 -24.14
C GLU B 547 19.78 6.50 -22.87
N GLU B 548 19.94 7.59 -22.10
CA GLU B 548 19.24 7.82 -20.83
C GLU B 548 17.70 7.89 -20.96
N LEU B 549 17.02 7.50 -19.88
CA LEU B 549 15.55 7.48 -19.80
C LEU B 549 14.88 8.88 -19.79
N ASP B 550 14.29 9.22 -20.94
CA ASP B 550 13.59 10.50 -21.15
C ASP B 550 12.21 10.53 -20.49
N GLN B 551 12.22 10.28 -19.17
CA GLN B 551 11.02 10.25 -18.35
C GLN B 551 11.12 11.26 -17.20
N VAL B 552 10.12 11.32 -16.32
CA VAL B 552 10.10 12.28 -15.23
C VAL B 552 11.06 12.10 -14.06
N GLN B 553 11.76 13.17 -13.72
CA GLN B 553 12.71 13.12 -12.63
C GLN B 553 12.10 13.48 -11.34
N LEU B 554 11.61 12.46 -10.68
CA LEU B 554 10.95 12.60 -9.42
C LEU B 554 11.89 12.24 -8.27
N MET B 555 12.16 13.18 -7.35
CA MET B 555 13.07 12.89 -6.22
C MET B 555 12.96 13.81 -5.01
N THR B 556 13.56 13.38 -3.93
CA THR B 556 13.55 14.16 -2.71
C THR B 556 14.36 15.39 -2.98
N LEU B 557 14.26 16.30 -2.02
CA LEU B 557 14.99 17.53 -2.00
C LEU B 557 16.43 17.09 -1.85
N HIS B 558 16.68 16.17 -0.93
CA HIS B 558 18.04 15.67 -0.72
C HIS B 558 18.69 14.99 -1.94
N ALA B 559 17.86 14.31 -2.71
CA ALA B 559 18.35 13.65 -3.91
C ALA B 559 18.64 14.68 -5.00
N SER B 560 18.53 15.96 -4.70
CA SER B 560 18.76 16.99 -5.71
C SER B 560 20.23 17.37 -5.69
N LYS B 561 20.74 17.54 -4.47
CA LYS B 561 22.13 17.91 -4.18
C LYS B 561 23.05 17.90 -5.38
N GLY B 562 23.16 19.04 -6.06
CA GLY B 562 23.99 19.09 -7.25
C GLY B 562 23.32 18.20 -8.28
N LEU B 563 22.55 18.82 -9.16
CA LEU B 563 21.84 18.10 -10.20
C LEU B 563 21.01 19.23 -10.82
N GLU B 564 20.81 19.22 -12.12
CA GLU B 564 20.07 20.32 -12.69
C GLU B 564 18.98 19.96 -13.63
N PHE B 565 17.91 20.73 -13.50
CA PHE B 565 16.76 20.52 -14.32
C PHE B 565 16.23 21.80 -14.88
N PRO B 566 15.76 21.73 -16.11
CA PRO B 566 15.19 22.89 -16.79
C PRO B 566 13.91 23.36 -16.10
N TYR B 567 13.06 22.41 -15.72
CA TYR B 567 11.83 22.79 -15.05
C TYR B 567 11.58 21.91 -13.83
N VAL B 568 11.40 22.57 -12.68
CA VAL B 568 11.15 21.91 -11.42
C VAL B 568 9.78 22.29 -10.86
N TYR B 569 9.24 21.34 -10.09
CA TYR B 569 7.96 21.46 -9.47
C TYR B 569 8.17 21.10 -8.02
N MET B 570 8.62 22.09 -7.24
CA MET B 570 8.89 21.96 -5.80
C MET B 570 7.61 21.78 -4.97
N VAL B 571 6.98 20.61 -5.08
CA VAL B 571 5.70 20.31 -4.40
C VAL B 571 5.59 20.33 -2.86
N GLY B 572 4.36 20.44 -2.37
CA GLY B 572 4.12 20.46 -0.93
C GLY B 572 4.89 21.53 -0.20
N MET B 573 4.58 22.78 -0.55
CA MET B 573 5.20 23.98 0.01
C MET B 573 4.53 24.54 1.27
N GLU B 574 3.97 23.66 2.11
CA GLU B 574 3.33 24.11 3.34
C GLU B 574 4.29 24.18 4.50
N GLU B 575 3.79 24.69 5.61
CA GLU B 575 4.63 24.84 6.75
C GLU B 575 5.05 23.49 7.23
N GLY B 576 4.16 22.76 7.88
CA GLY B 576 4.53 21.44 8.38
C GLY B 576 5.53 20.63 7.53
N PHE B 577 5.14 20.34 6.30
CA PHE B 577 5.96 19.56 5.39
C PHE B 577 7.35 20.19 5.17
N LEU B 578 7.45 21.09 4.18
CA LEU B 578 8.72 21.71 3.82
C LEU B 578 9.44 22.19 5.06
N PRO B 579 9.12 23.38 5.59
CA PRO B 579 9.91 23.64 6.79
C PRO B 579 9.33 22.56 7.70
N HIS B 580 10.06 21.47 7.86
CA HIS B 580 9.55 20.37 8.65
C HIS B 580 9.39 20.66 10.11
N GLN B 581 8.29 20.15 10.66
CA GLN B 581 8.00 20.38 12.07
C GLN B 581 9.20 20.01 12.91
N SER B 582 9.80 18.85 12.66
CA SER B 582 10.97 18.40 13.42
C SER B 582 11.83 19.62 13.67
N SER B 583 12.18 20.30 12.57
CA SER B 583 13.00 21.50 12.61
C SER B 583 12.21 22.65 13.22
N ILE B 584 10.98 22.83 12.74
CA ILE B 584 10.10 23.89 13.22
C ILE B 584 10.16 23.94 14.73
N ASP B 585 9.70 22.85 15.32
CA ASP B 585 9.72 22.75 16.77
C ASP B 585 11.07 22.19 17.22
N GLU B 586 12.09 22.99 16.97
CA GLU B 586 13.48 22.62 17.27
C GLU B 586 14.39 23.86 17.45
N ASP B 587 14.04 24.92 16.75
CA ASP B 587 14.77 26.20 16.80
C ASP B 587 15.72 26.36 15.61
N ASN B 588 16.00 25.27 14.93
CA ASN B 588 16.81 25.34 13.71
C ASN B 588 15.96 24.96 12.53
N ILE B 589 15.98 25.86 11.58
CA ILE B 589 15.22 25.73 10.37
C ILE B 589 16.19 26.10 9.27
N ASP B 590 17.22 26.84 9.67
CA ASP B 590 18.27 27.29 8.79
C ASP B 590 18.55 26.14 7.84
N GLU B 591 18.63 24.95 8.41
CA GLU B 591 18.86 23.76 7.65
C GLU B 591 17.80 23.59 6.56
N GLU B 592 16.55 23.56 6.99
CA GLU B 592 15.44 23.40 6.05
C GLU B 592 15.55 24.50 5.03
N ARG B 593 15.99 25.67 5.48
CA ARG B 593 16.17 26.80 4.59
C ARG B 593 17.07 26.32 3.44
N ARG B 594 18.30 25.96 3.81
CA ARG B 594 19.28 25.49 2.84
C ARG B 594 18.59 24.50 1.94
N LEU B 595 17.97 23.53 2.58
CA LEU B 595 17.23 22.53 1.90
C LEU B 595 16.46 23.13 0.73
N ALA B 596 15.63 24.10 1.03
CA ALA B 596 14.83 24.76 -0.01
C ALA B 596 15.79 25.41 -0.99
N TYR B 597 16.69 26.24 -0.47
CA TYR B 597 17.71 26.98 -1.23
C TYR B 597 18.13 26.09 -2.35
N VAL B 598 18.61 24.94 -1.93
CA VAL B 598 19.05 23.92 -2.85
C VAL B 598 17.95 23.65 -3.85
N GLY B 599 16.91 22.97 -3.37
CA GLY B 599 15.79 22.61 -4.20
C GLY B 599 15.58 23.65 -5.27
N ILE B 600 15.59 24.93 -4.87
CA ILE B 600 15.39 26.03 -5.82
C ILE B 600 16.52 26.04 -6.84
N THR B 601 17.72 26.33 -6.36
CA THR B 601 18.90 26.40 -7.21
C THR B 601 19.07 25.30 -8.25
N ARG B 602 18.34 24.20 -8.08
CA ARG B 602 18.38 23.04 -8.95
C ARG B 602 17.73 23.21 -10.33
N ALA B 603 16.74 24.09 -10.42
CA ALA B 603 16.05 24.32 -11.69
C ALA B 603 16.74 25.46 -12.43
N GLN B 604 16.85 25.30 -13.74
CA GLN B 604 17.54 26.29 -14.55
C GLN B 604 16.65 27.22 -15.37
N LYS B 605 15.56 26.69 -15.90
CA LYS B 605 14.66 27.47 -16.72
C LYS B 605 13.52 28.07 -15.92
N GLU B 606 12.62 27.24 -15.43
CA GLU B 606 11.48 27.75 -14.70
C GLU B 606 11.05 26.92 -13.52
N LEU B 607 10.91 27.59 -12.39
CA LEU B 607 10.50 26.90 -11.18
C LEU B 607 9.01 27.13 -10.89
N THR B 608 8.41 26.23 -10.14
CA THR B 608 7.00 26.35 -9.83
C THR B 608 6.75 25.73 -8.45
N PHE B 609 6.31 26.55 -7.48
CA PHE B 609 6.03 26.01 -6.15
C PHE B 609 4.70 25.29 -6.13
N THR B 610 4.31 24.77 -4.97
CA THR B 610 3.05 24.04 -4.86
C THR B 610 2.79 23.64 -3.42
N LEU B 611 1.54 23.83 -2.99
CA LEU B 611 1.15 23.52 -1.63
C LEU B 611 -0.24 22.88 -1.54
N CYS B 612 -0.35 21.82 -0.74
CA CYS B 612 -1.62 21.14 -0.52
C CYS B 612 -2.44 22.08 0.34
N LYS B 613 -3.74 22.22 0.08
CA LYS B 613 -4.55 23.14 0.89
C LYS B 613 -5.17 22.42 2.07
N GLU B 614 -5.14 21.08 2.02
CA GLU B 614 -5.67 20.27 3.11
C GLU B 614 -4.84 18.98 3.30
N ARG B 615 -4.71 18.58 4.56
CA ARG B 615 -3.93 17.42 4.95
C ARG B 615 -4.70 16.10 4.96
N ARG B 616 -3.95 15.01 4.86
CA ARG B 616 -4.50 13.65 4.95
C ARG B 616 -3.89 13.17 6.29
N GLN B 617 -3.29 14.14 7.02
CA GLN B 617 -2.64 13.93 8.31
C GLN B 617 -3.64 13.78 9.48
N TYR B 618 -3.27 12.95 10.47
CA TYR B 618 -4.08 12.65 11.68
C TYR B 618 -5.34 11.79 11.48
N GLY B 619 -5.46 11.20 10.28
CA GLY B 619 -6.63 10.39 9.90
C GLY B 619 -7.80 11.30 9.51
N GLU B 620 -7.69 12.58 9.93
CA GLU B 620 -8.68 13.65 9.72
C GLU B 620 -8.34 14.78 8.70
N LEU B 621 -7.89 15.96 9.19
CA LEU B 621 -7.54 17.12 8.33
C LEU B 621 -6.92 18.37 9.00
N VAL B 622 -6.39 19.27 8.17
CA VAL B 622 -5.75 20.53 8.59
C VAL B 622 -5.62 21.59 7.45
N ARG B 623 -5.80 22.87 7.81
CA ARG B 623 -5.71 24.03 6.89
C ARG B 623 -4.30 24.62 7.16
N PRO B 624 -3.28 24.12 6.40
CA PRO B 624 -1.87 24.49 6.48
C PRO B 624 -1.52 25.84 5.84
N GLU B 625 -0.51 26.47 6.43
CA GLU B 625 -0.06 27.77 5.95
C GLU B 625 1.24 27.55 5.20
N PRO B 626 1.37 28.20 4.03
CA PRO B 626 2.53 28.14 3.13
C PRO B 626 3.93 28.15 3.79
N SER B 627 4.86 27.41 3.19
CA SER B 627 6.23 27.36 3.70
C SER B 627 6.60 28.84 3.78
N ARG B 628 6.90 29.31 4.99
CA ARG B 628 7.28 30.71 5.20
C ARG B 628 8.26 31.10 4.09
N PHE B 629 9.05 30.12 3.70
CA PHE B 629 10.02 30.24 2.65
C PHE B 629 9.40 30.94 1.47
N LEU B 630 8.26 30.42 1.05
CA LEU B 630 7.46 30.92 -0.06
C LEU B 630 7.29 32.44 0.01
N LEU B 631 7.11 32.92 1.24
CA LEU B 631 6.90 34.33 1.49
C LEU B 631 8.17 35.18 1.68
N GLU B 632 9.32 34.53 1.95
CA GLU B 632 10.59 35.24 2.13
C GLU B 632 11.19 35.56 0.76
N LEU B 633 10.62 34.87 -0.25
CA LEU B 633 10.96 34.97 -1.66
C LEU B 633 10.49 36.28 -2.28
N PRO B 634 11.20 36.77 -3.33
CA PRO B 634 10.86 38.03 -4.03
C PRO B 634 9.43 37.97 -4.59
N GLN B 635 8.54 38.77 -4.00
CA GLN B 635 7.13 38.82 -4.39
C GLN B 635 6.92 39.18 -5.84
N ASP B 636 7.73 40.13 -6.30
CA ASP B 636 7.75 40.65 -7.69
C ASP B 636 7.74 39.47 -8.71
N ASP B 637 8.72 38.57 -8.62
CA ASP B 637 8.84 37.42 -9.55
C ASP B 637 7.92 36.24 -9.20
N LEU B 638 7.28 36.33 -8.04
CA LEU B 638 6.36 35.30 -7.58
C LEU B 638 4.88 35.53 -7.98
N ILE B 639 4.19 34.43 -8.25
CA ILE B 639 2.78 34.44 -8.67
C ILE B 639 1.87 33.58 -7.73
N TRP B 640 0.55 33.53 -7.99
CA TRP B 640 -0.38 32.78 -7.13
C TRP B 640 -1.64 32.23 -7.80
N ARG C 2 -18.46 -5.21 31.88
CA ARG C 2 -17.53 -6.21 32.51
C ARG C 2 -17.64 -7.60 31.83
N LEU C 3 -16.60 -8.41 31.99
CA LEU C 3 -16.60 -9.68 31.32
C LEU C 3 -17.26 -10.94 31.89
N ASN C 4 -18.30 -11.40 31.20
CA ASN C 4 -19.01 -12.61 31.53
C ASN C 4 -17.96 -13.69 31.32
N PRO C 5 -17.81 -14.54 32.30
CA PRO C 5 -16.91 -15.68 32.42
C PRO C 5 -16.30 -16.19 31.14
N GLY C 6 -17.14 -16.70 30.25
CA GLY C 6 -16.64 -17.23 29.02
C GLY C 6 -15.78 -16.16 28.38
N GLN C 7 -16.38 -15.01 28.15
CA GLN C 7 -15.67 -13.89 27.55
C GLN C 7 -14.37 -13.76 28.26
N GLN C 8 -14.46 -13.61 29.56
CA GLN C 8 -13.29 -13.50 30.38
C GLN C 8 -12.25 -14.56 30.06
N GLN C 9 -12.67 -15.82 30.08
CA GLN C 9 -11.76 -16.90 29.78
C GLN C 9 -11.12 -16.71 28.44
N ALA C 10 -11.92 -16.54 27.39
CA ALA C 10 -11.37 -16.37 26.05
C ALA C 10 -10.38 -15.21 26.06
N VAL C 11 -10.67 -14.20 26.84
CA VAL C 11 -9.77 -13.08 26.89
C VAL C 11 -8.47 -13.45 27.49
N GLU C 12 -8.48 -14.22 28.56
CA GLU C 12 -7.22 -14.57 29.20
C GLU C 12 -6.38 -15.68 28.55
N PHE C 13 -7.00 -16.60 27.83
CA PHE C 13 -6.22 -17.67 27.25
C PHE C 13 -5.43 -17.22 26.05
N VAL C 14 -4.22 -16.74 26.34
CA VAL C 14 -3.29 -16.17 25.37
C VAL C 14 -2.07 -16.99 25.02
N THR C 15 -2.05 -18.26 25.42
CA THR C 15 -0.85 -19.08 25.22
C THR C 15 -0.86 -20.14 24.16
N GLY C 16 -1.85 -20.15 23.30
CA GLY C 16 -1.83 -21.21 22.33
C GLY C 16 -2.98 -21.08 21.42
N PRO C 17 -3.06 -22.00 20.47
CA PRO C 17 -4.08 -22.11 19.43
C PRO C 17 -5.37 -22.23 20.18
N CYS C 18 -6.16 -21.17 20.07
CA CYS C 18 -7.41 -21.03 20.77
C CYS C 18 -8.56 -20.74 19.84
N LEU C 19 -9.72 -21.27 20.16
CA LEU C 19 -10.89 -21.07 19.33
C LEU C 19 -12.02 -20.66 20.22
N VAL C 20 -12.62 -19.51 19.94
CA VAL C 20 -13.73 -19.04 20.73
C VAL C 20 -14.99 -19.27 19.92
N LEU C 21 -15.92 -20.06 20.43
CA LEU C 21 -17.15 -20.37 19.70
C LEU C 21 -18.28 -19.49 20.19
N ALA C 22 -18.22 -18.24 19.77
CA ALA C 22 -19.22 -17.24 20.13
C ALA C 22 -20.56 -17.48 19.49
N GLY C 23 -21.54 -17.79 20.34
CA GLY C 23 -22.89 -18.03 19.87
C GLY C 23 -23.36 -16.64 19.52
N ALA C 24 -24.47 -16.53 18.80
CA ALA C 24 -24.99 -15.21 18.42
C ALA C 24 -25.30 -14.13 19.51
N GLY C 25 -24.82 -12.93 19.29
CA GLY C 25 -25.10 -11.86 20.24
C GLY C 25 -24.31 -12.02 21.52
N SER C 26 -23.26 -12.83 21.45
CA SER C 26 -22.42 -13.07 22.59
C SER C 26 -21.46 -11.93 22.83
N GLY C 27 -21.28 -11.07 21.84
CA GLY C 27 -20.39 -9.92 21.97
C GLY C 27 -18.91 -10.08 21.62
N LYS C 28 -18.68 -10.91 20.61
CA LYS C 28 -17.35 -11.20 20.15
C LYS C 28 -16.50 -9.97 20.01
N THR C 29 -16.99 -8.95 19.31
CA THR C 29 -16.07 -7.84 19.14
C THR C 29 -15.58 -7.26 20.41
N ARG C 30 -16.33 -7.44 21.49
CA ARG C 30 -15.84 -6.93 22.76
C ARG C 30 -14.62 -7.80 23.12
N VAL C 31 -14.82 -9.10 23.09
CA VAL C 31 -13.73 -9.99 23.39
C VAL C 31 -12.49 -9.66 22.60
N ILE C 32 -12.62 -9.74 21.29
CA ILE C 32 -11.49 -9.50 20.42
C ILE C 32 -10.76 -8.26 20.81
N THR C 33 -11.49 -7.17 20.90
CA THR C 33 -10.86 -5.91 21.25
C THR C 33 -10.09 -6.16 22.49
N ASN C 34 -10.84 -6.44 23.52
CA ASN C 34 -10.25 -6.69 24.78
C ASN C 34 -9.16 -7.70 24.75
N LYS C 35 -9.24 -8.67 23.86
CA LYS C 35 -8.18 -9.66 23.81
C LYS C 35 -6.94 -8.85 23.46
N ILE C 36 -7.03 -8.14 22.36
CA ILE C 36 -5.96 -7.32 21.88
C ILE C 36 -5.51 -6.46 23.02
N ALA C 37 -6.34 -5.53 23.41
CA ALA C 37 -6.03 -4.66 24.52
C ALA C 37 -5.22 -5.37 25.58
N HIS C 38 -5.63 -6.59 25.94
CA HIS C 38 -4.92 -7.37 26.97
C HIS C 38 -3.61 -7.85 26.48
N LEU C 39 -3.65 -8.56 25.37
CA LEU C 39 -2.44 -9.07 24.79
C LEU C 39 -1.34 -8.05 24.93
N ILE C 40 -1.68 -6.80 24.69
CA ILE C 40 -0.73 -5.70 24.79
C ILE C 40 -0.33 -5.39 26.23
N ARG C 41 -1.28 -4.81 26.95
CA ARG C 41 -1.12 -4.37 28.32
C ARG C 41 -0.82 -5.43 29.36
N GLY C 42 -1.13 -6.70 29.10
CA GLY C 42 -0.89 -7.71 30.11
C GLY C 42 0.16 -8.74 29.82
N CYS C 43 0.68 -8.75 28.61
CA CYS C 43 1.70 -9.69 28.22
C CYS C 43 2.72 -9.00 27.35
N GLY C 44 2.89 -7.68 27.56
CA GLY C 44 3.82 -6.89 26.77
C GLY C 44 3.43 -6.82 25.31
N TYR C 45 3.48 -7.99 24.65
CA TYR C 45 3.12 -8.21 23.24
C TYR C 45 2.87 -6.92 22.45
N GLN C 46 3.93 -6.25 22.01
CA GLN C 46 3.85 -4.98 21.25
C GLN C 46 2.73 -4.90 20.22
N ALA C 47 2.03 -3.77 20.24
CA ALA C 47 0.93 -3.53 19.33
C ALA C 47 1.23 -4.01 17.91
N ARG C 48 2.32 -3.46 17.38
CA ARG C 48 2.78 -3.77 16.04
C ARG C 48 3.01 -5.22 15.74
N HIS C 49 2.74 -6.09 16.72
CA HIS C 49 2.98 -7.52 16.51
C HIS C 49 1.73 -8.35 16.53
N ILE C 50 0.60 -7.64 16.61
CA ILE C 50 -0.71 -8.28 16.65
C ILE C 50 -1.51 -8.03 15.38
N ALA C 51 -2.05 -9.07 14.78
CA ALA C 51 -2.84 -8.93 13.57
C ALA C 51 -4.25 -9.39 13.81
N ALA C 52 -5.18 -8.50 13.50
CA ALA C 52 -6.58 -8.75 13.68
C ALA C 52 -7.19 -8.82 12.30
N VAL C 53 -7.56 -10.01 11.89
CA VAL C 53 -8.12 -10.16 10.57
C VAL C 53 -9.60 -10.40 10.59
N THR C 54 -10.29 -9.88 9.58
CA THR C 54 -11.74 -10.02 9.45
C THR C 54 -12.00 -10.04 7.99
N PHE C 55 -13.27 -10.19 7.65
CA PHE C 55 -13.62 -10.26 6.23
C PHE C 55 -14.06 -9.01 5.55
N THR C 56 -14.82 -8.18 6.25
CA THR C 56 -15.32 -6.96 5.63
C THR C 56 -14.55 -5.79 6.07
N ASN C 57 -14.58 -4.80 5.18
CA ASN C 57 -13.90 -3.56 5.41
C ASN C 57 -14.64 -2.77 6.46
N LYS C 58 -15.81 -3.29 6.83
CA LYS C 58 -16.62 -2.69 7.88
C LYS C 58 -16.12 -3.16 9.24
N ALA C 59 -16.27 -4.47 9.52
CA ALA C 59 -15.84 -5.13 10.78
C ALA C 59 -14.55 -4.52 11.14
N ALA C 60 -13.76 -4.39 10.06
CA ALA C 60 -12.47 -3.79 10.05
C ALA C 60 -12.50 -2.45 10.77
N ARG C 61 -13.12 -1.45 10.14
CA ARG C 61 -13.16 -0.11 10.78
C ARG C 61 -13.81 -0.15 12.13
N GLU C 62 -14.87 -0.94 12.23
CA GLU C 62 -15.58 -1.04 13.48
C GLU C 62 -14.63 -1.52 14.56
N MET C 63 -13.88 -2.57 14.26
CA MET C 63 -12.95 -3.07 15.24
C MET C 63 -11.90 -2.04 15.56
N LYS C 64 -11.37 -1.35 14.54
CA LYS C 64 -10.34 -0.32 14.76
C LYS C 64 -10.90 0.76 15.68
N GLU C 65 -12.16 1.11 15.46
CA GLU C 65 -12.84 2.12 16.26
C GLU C 65 -12.69 1.82 17.74
N ARG C 66 -13.29 0.70 18.17
CA ARG C 66 -13.26 0.27 19.57
C ARG C 66 -11.87 0.13 20.14
N VAL C 67 -11.01 -0.59 19.42
CA VAL C 67 -9.63 -0.80 19.79
C VAL C 67 -9.04 0.50 20.28
N GLY C 68 -9.03 1.48 19.38
CA GLY C 68 -8.48 2.78 19.72
C GLY C 68 -9.28 3.42 20.84
N GLN C 69 -10.52 3.00 21.02
CA GLN C 69 -11.31 3.59 22.07
C GLN C 69 -10.91 3.06 23.43
N THR C 70 -10.23 1.93 23.48
CA THR C 70 -9.82 1.44 24.77
C THR C 70 -8.32 1.64 24.88
N LEU C 71 -7.61 1.35 23.78
CA LEU C 71 -6.16 1.51 23.72
C LEU C 71 -5.83 2.96 23.49
N GLY C 72 -4.79 3.41 24.17
CA GLY C 72 -4.35 4.79 24.05
C GLY C 72 -3.66 4.99 22.72
N ARG C 73 -4.07 6.06 22.03
CA ARG C 73 -3.56 6.47 20.72
C ARG C 73 -2.21 5.84 20.39
N LYS C 74 -1.26 6.02 21.29
CA LYS C 74 0.07 5.45 21.12
C LYS C 74 0.04 3.92 21.12
N GLU C 75 0.13 3.29 22.29
CA GLU C 75 0.16 1.84 22.39
C GLU C 75 -0.65 1.10 21.35
N ALA C 76 -1.70 1.71 20.84
CA ALA C 76 -2.55 1.09 19.83
C ALA C 76 -1.88 1.08 18.51
N ARG C 77 -0.73 1.74 18.45
CA ARG C 77 0.02 1.86 17.21
C ARG C 77 0.16 0.58 16.42
N GLY C 78 0.17 0.73 15.10
CA GLY C 78 0.32 -0.40 14.19
C GLY C 78 -0.40 -1.71 14.46
N LEU C 79 -1.71 -1.72 14.30
CA LEU C 79 -2.43 -2.94 14.53
C LEU C 79 -2.82 -3.53 13.21
N MET C 80 -2.32 -4.71 12.94
CA MET C 80 -2.63 -5.31 11.69
C MET C 80 -4.09 -5.64 11.43
N ILE C 81 -4.96 -4.81 11.96
CA ILE C 81 -6.40 -4.97 11.74
C ILE C 81 -6.62 -4.76 10.26
N SER C 82 -7.46 -5.57 9.65
CA SER C 82 -7.61 -5.42 8.22
C SER C 82 -8.47 -6.51 7.67
N THR C 83 -8.79 -6.44 6.39
CA THR C 83 -9.58 -7.51 5.83
C THR C 83 -8.55 -8.54 5.51
N PHE C 84 -9.00 -9.69 5.04
CA PHE C 84 -8.07 -10.73 4.65
C PHE C 84 -7.36 -10.15 3.48
N HIS C 85 -8.17 -9.79 2.49
CA HIS C 85 -7.70 -9.19 1.24
C HIS C 85 -6.74 -7.99 1.40
N THR C 86 -6.99 -7.09 2.33
CA THR C 86 -6.06 -6.00 2.51
C THR C 86 -4.73 -6.66 2.73
N LEU C 87 -4.61 -7.43 3.78
CA LEU C 87 -3.34 -8.10 4.08
C LEU C 87 -2.82 -8.92 2.90
N GLY C 88 -3.58 -9.92 2.51
CA GLY C 88 -3.19 -10.77 1.40
C GLY C 88 -2.50 -9.97 0.33
N LEU C 89 -3.06 -8.81 0.03
CA LEU C 89 -2.48 -7.95 -0.96
C LEU C 89 -1.21 -7.37 -0.35
N ASP C 90 -1.35 -6.72 0.80
CA ASP C 90 -0.21 -6.13 1.48
C ASP C 90 0.97 -7.07 1.61
N ILE C 91 0.75 -8.38 1.60
CA ILE C 91 1.86 -9.29 1.68
C ILE C 91 2.51 -9.12 0.33
N ILE C 92 1.79 -9.56 -0.71
CA ILE C 92 2.30 -9.48 -2.06
C ILE C 92 3.03 -8.19 -2.31
N LYS C 93 2.40 -7.10 -1.91
CA LYS C 93 2.99 -5.78 -2.02
C LYS C 93 4.36 -5.73 -1.32
N ARG C 94 4.35 -5.80 0.02
CA ARG C 94 5.57 -5.73 0.85
C ARG C 94 6.72 -6.68 0.53
N GLU C 95 6.41 -7.92 0.16
CA GLU C 95 7.51 -8.81 -0.13
C GLU C 95 8.03 -8.64 -1.54
N TYR C 96 7.24 -7.99 -2.40
CA TYR C 96 7.67 -7.71 -3.76
C TYR C 96 8.70 -6.60 -3.64
N ALA C 97 8.47 -5.67 -2.72
CA ALA C 97 9.40 -4.59 -2.50
C ALA C 97 10.68 -5.09 -1.84
N ALA C 98 10.60 -6.28 -1.25
CA ALA C 98 11.75 -6.90 -0.59
C ALA C 98 12.86 -7.26 -1.60
N LEU C 99 12.53 -8.08 -2.60
CA LEU C 99 13.48 -8.49 -3.63
C LEU C 99 14.06 -7.25 -4.27
N GLY C 100 13.60 -6.11 -3.78
CA GLY C 100 14.01 -4.84 -4.28
C GLY C 100 12.96 -4.39 -5.25
N MET C 101 12.29 -5.35 -5.92
CA MET C 101 11.25 -5.01 -6.91
C MET C 101 9.91 -4.50 -6.35
N LYS C 102 8.90 -4.38 -7.21
CA LYS C 102 7.58 -3.94 -6.77
C LYS C 102 6.54 -4.47 -7.72
N ALA C 103 5.30 -4.36 -7.29
CA ALA C 103 4.18 -4.83 -8.06
C ALA C 103 3.38 -3.68 -8.67
N ASN C 104 2.48 -4.06 -9.58
CA ASN C 104 1.64 -3.08 -10.30
C ASN C 104 0.68 -3.74 -11.28
N PHE C 105 -0.43 -4.20 -10.75
CA PHE C 105 -1.49 -4.87 -11.52
C PHE C 105 -2.78 -4.78 -10.74
N SER C 106 -3.47 -3.70 -11.04
CA SER C 106 -4.73 -3.36 -10.40
C SER C 106 -5.62 -4.60 -10.22
N LEU C 107 -6.03 -4.81 -8.97
CA LEU C 107 -6.97 -5.88 -8.69
C LEU C 107 -8.11 -5.69 -9.71
N PHE C 108 -8.52 -6.80 -10.28
CA PHE C 108 -9.58 -6.83 -11.26
C PHE C 108 -10.92 -6.79 -10.56
N ASP C 109 -11.25 -5.65 -9.95
CA ASP C 109 -12.50 -5.48 -9.20
C ASP C 109 -13.79 -6.02 -9.83
N ASP C 110 -14.28 -7.08 -9.20
CA ASP C 110 -15.50 -7.83 -9.52
C ASP C 110 -16.05 -7.68 -10.92
N THR C 111 -16.60 -6.49 -11.15
CA THR C 111 -17.19 -6.11 -12.43
C THR C 111 -16.27 -6.42 -13.59
N ASP C 112 -15.13 -5.71 -13.56
CA ASP C 112 -14.08 -5.83 -14.55
C ASP C 112 -13.99 -7.29 -14.97
N GLN C 113 -14.00 -8.16 -13.95
CA GLN C 113 -13.91 -9.62 -14.17
C GLN C 113 -15.07 -10.07 -15.03
N LEU C 114 -16.25 -10.09 -14.41
CA LEU C 114 -17.48 -10.47 -15.09
C LEU C 114 -17.47 -9.93 -16.51
N ALA C 115 -17.15 -8.64 -16.62
CA ALA C 115 -17.04 -7.94 -17.90
C ALA C 115 -16.12 -8.76 -18.79
N LEU C 116 -14.86 -8.79 -18.43
CA LEU C 116 -13.87 -9.53 -19.15
C LEU C 116 -14.40 -10.92 -19.48
N LEU C 117 -15.18 -11.47 -18.56
CA LEU C 117 -15.77 -12.81 -18.70
C LEU C 117 -16.79 -12.87 -19.82
N LYS C 118 -17.52 -11.77 -20.01
CA LYS C 118 -18.51 -11.66 -21.07
C LYS C 118 -17.76 -11.79 -22.40
N GLU C 119 -16.92 -10.81 -22.73
CA GLU C 119 -16.16 -10.84 -23.97
C GLU C 119 -15.49 -12.21 -24.14
N LEU C 120 -14.95 -12.73 -23.03
CA LEU C 120 -14.30 -14.03 -22.99
C LEU C 120 -15.22 -15.17 -23.44
N THR C 121 -16.47 -15.15 -22.98
CA THR C 121 -17.47 -16.18 -23.31
C THR C 121 -18.72 -15.68 -24.02
N GLU C 122 -18.58 -15.19 -25.27
CA GLU C 122 -19.76 -14.70 -26.01
C GLU C 122 -20.56 -15.82 -26.62
N GLY C 123 -20.01 -16.42 -27.68
CA GLY C 123 -20.69 -17.51 -28.32
C GLY C 123 -20.72 -18.69 -27.38
N LEU C 124 -19.59 -18.91 -26.70
CA LEU C 124 -19.43 -20.01 -25.75
C LEU C 124 -20.60 -20.07 -24.78
N ILE C 125 -20.79 -18.98 -24.04
CA ILE C 125 -21.84 -18.93 -23.04
C ILE C 125 -22.83 -17.78 -23.16
N GLU C 126 -24.10 -18.13 -22.96
CA GLU C 126 -25.23 -17.20 -23.02
C GLU C 126 -24.98 -15.82 -22.38
N ASP C 127 -25.57 -14.81 -22.99
CA ASP C 127 -25.48 -13.40 -22.56
C ASP C 127 -26.26 -13.19 -21.24
N ASP C 128 -26.13 -14.12 -20.29
CA ASP C 128 -26.90 -14.01 -19.05
C ASP C 128 -26.19 -13.85 -17.72
N LYS C 129 -26.68 -12.87 -16.94
CA LYS C 129 -26.16 -12.54 -15.61
C LYS C 129 -26.01 -13.77 -14.70
N VAL C 130 -27.13 -14.35 -14.30
CA VAL C 130 -27.16 -15.53 -13.44
C VAL C 130 -26.12 -16.53 -13.93
N LEU C 131 -26.05 -16.69 -15.24
CA LEU C 131 -25.10 -17.60 -15.82
C LEU C 131 -23.71 -17.16 -15.43
N LEU C 132 -23.27 -16.06 -16.04
CA LEU C 132 -21.95 -15.51 -15.79
C LEU C 132 -21.57 -15.64 -14.31
N GLN C 133 -22.53 -15.33 -13.45
CA GLN C 133 -22.35 -15.42 -12.01
C GLN C 133 -21.70 -16.74 -11.67
N GLN C 134 -22.35 -17.83 -12.09
CA GLN C 134 -21.86 -19.16 -11.82
C GLN C 134 -20.47 -19.22 -12.33
N LEU C 135 -20.36 -18.95 -13.62
CA LEU C 135 -19.09 -18.92 -14.30
C LEU C 135 -18.02 -18.23 -13.43
N ILE C 136 -18.37 -17.07 -12.89
CA ILE C 136 -17.46 -16.27 -12.03
C ILE C 136 -17.16 -17.03 -10.75
N SER C 137 -18.23 -17.35 -10.05
CA SER C 137 -18.17 -18.03 -8.79
C SER C 137 -17.40 -19.32 -8.94
N THR C 138 -17.96 -20.21 -9.75
CA THR C 138 -17.37 -21.53 -10.00
C THR C 138 -15.91 -21.43 -10.41
N ILE C 139 -15.56 -20.33 -11.05
CA ILE C 139 -14.20 -20.14 -11.46
C ILE C 139 -13.44 -19.80 -10.16
N SER C 140 -13.90 -18.79 -9.42
CA SER C 140 -13.26 -18.37 -8.16
C SER C 140 -13.11 -19.47 -7.11
N ASN C 141 -13.74 -20.63 -7.38
CA ASN C 141 -13.76 -21.82 -6.50
C ASN C 141 -12.58 -22.77 -6.70
N TRP C 142 -12.41 -23.16 -7.96
CA TRP C 142 -11.34 -24.06 -8.37
C TRP C 142 -10.08 -23.34 -8.00
N LYS C 143 -10.16 -22.01 -8.05
CA LYS C 143 -9.05 -21.18 -7.66
C LYS C 143 -8.84 -21.36 -6.15
N ASN C 144 -9.89 -21.28 -5.33
CA ASN C 144 -9.72 -21.47 -3.89
C ASN C 144 -9.47 -22.95 -3.54
N ASP C 145 -9.44 -23.76 -4.59
CA ASP C 145 -9.19 -25.20 -4.55
C ASP C 145 -7.78 -25.37 -5.18
N LEU C 146 -6.93 -24.36 -4.91
CA LEU C 146 -5.55 -24.23 -5.40
C LEU C 146 -5.31 -25.04 -6.65
N LYS C 147 -6.18 -24.85 -7.64
CA LYS C 147 -6.09 -25.59 -8.90
C LYS C 147 -5.64 -24.76 -10.13
N THR C 148 -5.44 -25.45 -11.26
CA THR C 148 -5.04 -24.86 -12.53
C THR C 148 -6.17 -25.13 -13.53
N PRO C 149 -6.31 -24.24 -14.52
CA PRO C 149 -7.36 -24.30 -15.58
C PRO C 149 -7.44 -25.56 -16.46
N SER C 150 -6.60 -26.55 -16.10
CA SER C 150 -6.48 -27.87 -16.75
C SER C 150 -6.82 -28.94 -15.67
N GLN C 151 -6.22 -28.78 -14.48
CA GLN C 151 -6.43 -29.66 -13.33
C GLN C 151 -7.92 -29.65 -12.98
N ALA C 152 -8.54 -28.54 -13.36
CA ALA C 152 -9.96 -28.27 -13.18
C ALA C 152 -10.83 -28.88 -14.27
N ALA C 153 -10.22 -29.21 -15.42
CA ALA C 153 -10.94 -29.87 -16.51
C ALA C 153 -10.98 -31.37 -16.13
N ALA C 154 -10.10 -31.72 -15.19
CA ALA C 154 -10.00 -33.06 -14.63
C ALA C 154 -11.22 -33.16 -13.73
N SER C 155 -11.18 -32.41 -12.65
CA SER C 155 -12.28 -32.36 -11.71
C SER C 155 -13.40 -31.50 -12.35
N ALA C 156 -13.86 -31.94 -13.54
CA ALA C 156 -14.93 -31.25 -14.31
C ALA C 156 -15.94 -32.20 -14.96
N ILE C 157 -17.00 -32.48 -14.23
CA ILE C 157 -18.06 -33.36 -14.68
C ILE C 157 -19.32 -32.57 -15.05
N GLY C 158 -19.68 -32.60 -16.33
CA GLY C 158 -20.87 -31.89 -16.80
C GLY C 158 -20.60 -31.02 -18.03
N GLU C 159 -21.59 -30.92 -18.94
CA GLU C 159 -21.40 -30.16 -20.16
C GLU C 159 -20.85 -28.75 -19.97
N ARG C 160 -21.73 -27.79 -19.66
CA ARG C 160 -21.29 -26.41 -19.45
C ARG C 160 -20.13 -26.29 -18.43
N ASP C 161 -19.90 -27.36 -17.68
CA ASP C 161 -18.84 -27.39 -16.70
C ASP C 161 -17.53 -27.65 -17.42
N ARG C 162 -17.56 -28.58 -18.37
CA ARG C 162 -16.38 -28.87 -19.17
C ARG C 162 -16.03 -27.55 -19.85
N ILE C 163 -17.08 -26.78 -20.14
CA ILE C 163 -17.01 -25.46 -20.78
C ILE C 163 -16.38 -24.47 -19.80
N PHE C 164 -17.04 -24.29 -18.66
CA PHE C 164 -16.59 -23.39 -17.60
C PHE C 164 -15.10 -23.60 -17.37
N ALA C 165 -14.65 -24.84 -17.52
CA ALA C 165 -13.27 -25.22 -17.35
C ALA C 165 -12.42 -24.53 -18.41
N HIS C 166 -12.80 -24.75 -19.68
CA HIS C 166 -12.11 -24.17 -20.82
C HIS C 166 -12.16 -22.64 -20.68
N CYS C 167 -13.36 -22.10 -20.50
CA CYS C 167 -13.60 -20.67 -20.31
C CYS C 167 -12.62 -20.24 -19.23
N TYR C 168 -12.66 -20.98 -18.13
CA TYR C 168 -11.81 -20.81 -16.97
C TYR C 168 -10.39 -20.69 -17.54
N GLY C 169 -10.02 -21.64 -18.39
CA GLY C 169 -8.70 -21.61 -18.99
C GLY C 169 -8.33 -20.25 -19.57
N LEU C 170 -9.23 -19.68 -20.37
CA LEU C 170 -8.95 -18.38 -20.98
C LEU C 170 -8.93 -17.25 -19.98
N TYR C 171 -9.64 -17.41 -18.87
CA TYR C 171 -9.68 -16.38 -17.84
C TYR C 171 -8.26 -16.14 -17.27
N ASP C 172 -7.74 -17.13 -16.57
CA ASP C 172 -6.40 -16.99 -16.01
C ASP C 172 -5.48 -16.66 -17.16
N ALA C 173 -5.83 -17.20 -18.34
CA ALA C 173 -5.07 -16.99 -19.55
C ALA C 173 -4.83 -15.51 -19.76
N HIS C 174 -5.92 -14.78 -20.02
CA HIS C 174 -5.85 -13.33 -20.22
C HIS C 174 -5.23 -12.56 -19.03
N LEU C 175 -5.54 -12.98 -17.79
CA LEU C 175 -5.07 -12.32 -16.57
C LEU C 175 -3.58 -12.44 -16.28
N LYS C 176 -3.09 -13.68 -16.32
CA LYS C 176 -1.69 -13.97 -16.08
C LYS C 176 -0.93 -13.06 -17.02
N ALA C 177 -1.46 -13.04 -18.25
CA ALA C 177 -0.99 -12.27 -19.40
C ALA C 177 -1.02 -10.77 -19.10
N CYS C 178 -2.15 -10.13 -19.41
CA CYS C 178 -2.33 -8.69 -19.22
C CYS C 178 -1.80 -8.13 -17.90
N ASN C 179 -1.46 -9.05 -16.99
CA ASN C 179 -0.87 -8.77 -15.68
C ASN C 179 -1.77 -8.08 -14.68
N VAL C 180 -2.80 -8.79 -14.25
CA VAL C 180 -3.77 -8.31 -13.27
C VAL C 180 -4.30 -9.50 -12.53
N LEU C 181 -4.94 -9.22 -11.41
CA LEU C 181 -5.45 -10.31 -10.59
C LEU C 181 -6.75 -10.06 -9.89
N ASP C 182 -7.62 -11.04 -9.98
CA ASP C 182 -8.87 -10.94 -9.33
C ASP C 182 -8.56 -11.03 -7.86
N PHE C 183 -9.60 -10.85 -7.06
CA PHE C 183 -9.55 -10.83 -5.62
C PHE C 183 -8.94 -12.02 -4.92
N ASP C 184 -9.63 -13.14 -4.99
CA ASP C 184 -9.13 -14.36 -4.40
C ASP C 184 -7.63 -14.54 -4.72
N ASP C 185 -7.17 -13.97 -5.82
CA ASP C 185 -5.76 -14.06 -6.15
C ASP C 185 -4.95 -13.46 -5.02
N LEU C 186 -5.41 -12.35 -4.49
CA LEU C 186 -4.67 -11.70 -3.43
C LEU C 186 -4.38 -12.60 -2.26
N ILE C 187 -5.18 -13.66 -2.13
CA ILE C 187 -4.93 -14.58 -1.02
C ILE C 187 -4.05 -15.72 -1.51
N LEU C 188 -4.49 -16.45 -2.52
CA LEU C 188 -3.68 -17.55 -2.99
C LEU C 188 -2.37 -17.13 -3.57
N LEU C 189 -2.06 -15.86 -3.37
CA LEU C 189 -0.83 -15.28 -3.84
C LEU C 189 0.16 -15.44 -2.70
N PRO C 190 0.16 -14.53 -1.73
CA PRO C 190 1.15 -14.73 -0.68
C PRO C 190 1.09 -16.13 -0.11
N THR C 191 -0.11 -16.71 -0.07
CA THR C 191 -0.28 -18.06 0.46
C THR C 191 0.86 -18.85 -0.17
N LEU C 192 0.84 -19.01 -1.50
CA LEU C 192 1.90 -19.73 -2.20
C LEU C 192 3.25 -19.13 -1.87
N LEU C 193 3.45 -17.89 -2.33
CA LEU C 193 4.72 -17.20 -2.08
C LEU C 193 5.25 -17.43 -0.66
N LEU C 194 4.39 -17.67 0.32
CA LEU C 194 4.91 -17.90 1.66
C LEU C 194 5.20 -19.36 1.97
N GLN C 195 4.52 -20.25 1.30
CA GLN C 195 4.76 -21.66 1.52
C GLN C 195 6.09 -21.95 0.87
N ALA C 196 6.16 -21.75 -0.44
CA ALA C 196 7.35 -22.01 -1.25
C ALA C 196 8.65 -21.41 -0.74
N ASN C 197 8.60 -20.32 0.01
CA ASN C 197 9.81 -19.65 0.49
C ASN C 197 9.86 -19.47 1.99
N GLU C 198 10.92 -19.93 2.61
CA GLU C 198 11.04 -19.78 4.07
C GLU C 198 11.50 -18.37 4.48
N GLU C 199 12.47 -17.80 3.74
CA GLU C 199 13.02 -16.46 4.02
C GLU C 199 11.94 -15.46 4.44
N VAL C 200 10.90 -15.41 3.62
CA VAL C 200 9.75 -14.53 3.81
C VAL C 200 8.85 -15.03 4.93
N ARG C 201 8.48 -16.30 4.82
CA ARG C 201 7.62 -16.95 5.79
C ARG C 201 7.94 -16.50 7.22
N LYS C 202 9.16 -16.77 7.67
CA LYS C 202 9.52 -16.37 9.01
C LYS C 202 9.38 -14.89 9.26
N ARG C 203 9.84 -14.05 8.34
CA ARG C 203 9.73 -12.61 8.58
C ARG C 203 8.30 -12.24 8.97
N TRP C 204 7.33 -12.89 8.36
CA TRP C 204 5.92 -12.66 8.67
C TRP C 204 5.60 -13.31 9.98
N GLN C 205 5.98 -14.56 10.10
CA GLN C 205 5.78 -15.33 11.29
C GLN C 205 6.25 -14.55 12.48
N ASN C 206 7.14 -13.59 12.25
CA ASN C 206 7.64 -12.81 13.36
C ASN C 206 7.04 -11.43 13.37
N LYS C 207 6.36 -11.07 12.30
CA LYS C 207 5.71 -9.77 12.25
C LYS C 207 4.43 -10.00 13.04
N ILE C 208 3.74 -10.99 12.55
CA ILE C 208 2.49 -11.44 13.06
C ILE C 208 2.79 -12.37 14.21
N ARG C 209 3.09 -11.77 15.35
CA ARG C 209 3.40 -12.61 16.49
C ARG C 209 2.14 -13.33 16.97
N TYR C 210 1.09 -12.55 17.25
CA TYR C 210 -0.18 -13.14 17.65
C TYR C 210 -1.27 -12.66 16.70
N LEU C 211 -2.05 -13.61 16.23
CA LEU C 211 -3.11 -13.34 15.30
C LEU C 211 -4.49 -13.73 15.80
N LEU C 212 -5.48 -12.86 15.55
CA LEU C 212 -6.87 -13.10 15.92
C LEU C 212 -7.67 -13.08 14.63
N VAL C 213 -8.69 -13.89 14.54
CA VAL C 213 -9.44 -13.88 13.32
C VAL C 213 -10.90 -14.01 13.60
N ASP C 214 -11.64 -13.00 13.20
CA ASP C 214 -13.05 -13.03 13.44
C ASP C 214 -13.75 -13.73 12.28
N GLU C 215 -15.03 -14.06 12.47
CA GLU C 215 -15.86 -14.66 11.46
C GLU C 215 -15.31 -15.91 10.85
N TYR C 216 -14.67 -16.72 11.66
CA TYR C 216 -14.02 -17.92 11.16
C TYR C 216 -14.85 -18.93 10.43
N GLN C 217 -16.13 -18.95 10.69
CA GLN C 217 -16.95 -19.93 10.04
C GLN C 217 -17.09 -19.61 8.57
N ASP C 218 -16.60 -18.45 8.16
CA ASP C 218 -16.71 -18.05 6.75
C ASP C 218 -15.45 -18.39 5.91
N THR C 219 -14.33 -18.56 6.62
CA THR C 219 -13.03 -18.94 6.08
C THR C 219 -13.07 -19.91 4.92
N ASN C 220 -12.25 -19.65 3.92
CA ASN C 220 -12.14 -20.58 2.81
C ASN C 220 -10.75 -21.18 2.92
N THR C 221 -10.53 -22.16 2.05
CA THR C 221 -9.27 -22.85 2.01
C THR C 221 -8.11 -21.87 2.08
N SER C 222 -7.92 -21.19 0.96
CA SER C 222 -6.87 -20.22 0.82
C SER C 222 -6.64 -19.47 2.12
N GLN C 223 -7.68 -18.82 2.63
CA GLN C 223 -7.48 -18.07 3.85
C GLN C 223 -6.96 -18.98 4.87
N TYR C 224 -7.72 -20.06 5.06
CA TYR C 224 -7.35 -21.05 6.05
C TYR C 224 -5.86 -21.31 6.02
N GLU C 225 -5.40 -21.76 4.86
CA GLU C 225 -3.98 -22.00 4.76
C GLU C 225 -3.18 -20.79 5.08
N LEU C 226 -3.43 -19.72 4.36
CA LEU C 226 -2.69 -18.51 4.59
C LEU C 226 -2.54 -18.31 6.07
N VAL C 227 -3.62 -18.59 6.80
CA VAL C 227 -3.54 -18.41 8.23
C VAL C 227 -2.53 -19.37 8.78
N LYS C 228 -2.72 -20.65 8.52
CA LYS C 228 -1.78 -21.61 9.03
C LYS C 228 -0.37 -21.10 8.74
N LEU C 229 -0.09 -20.85 7.47
CA LEU C 229 1.25 -20.39 7.15
C LEU C 229 1.67 -19.27 8.01
N LEU C 230 0.75 -18.35 8.26
CA LEU C 230 1.06 -17.20 9.07
C LEU C 230 1.49 -17.48 10.52
N VAL C 231 1.07 -18.62 11.05
CA VAL C 231 1.45 -19.02 12.40
C VAL C 231 1.15 -20.45 12.22
N GLY C 232 2.22 -21.18 11.97
CA GLY C 232 2.15 -22.61 11.74
C GLY C 232 2.04 -23.39 13.04
N SER C 233 3.14 -23.56 13.78
CA SER C 233 3.00 -24.29 15.01
C SER C 233 3.22 -23.48 16.27
N ARG C 234 3.81 -22.29 16.13
CA ARG C 234 3.99 -21.38 17.28
C ARG C 234 2.54 -21.19 17.77
N ALA C 235 1.63 -21.27 16.79
CA ALA C 235 0.18 -21.17 16.92
C ALA C 235 -0.43 -20.20 17.90
N ARG C 236 0.29 -19.14 18.27
CA ARG C 236 -0.22 -18.13 19.20
C ARG C 236 -1.32 -17.26 18.54
N PHE C 237 -2.56 -17.75 18.65
CA PHE C 237 -3.71 -17.11 18.04
C PHE C 237 -5.03 -17.35 18.73
N THR C 238 -6.08 -16.85 18.09
CA THR C 238 -7.45 -16.97 18.54
C THR C 238 -8.41 -16.75 17.38
N VAL C 239 -8.83 -17.85 16.78
CA VAL C 239 -9.81 -17.83 15.71
C VAL C 239 -11.18 -17.69 16.40
N VAL C 240 -12.16 -17.04 15.77
CA VAL C 240 -13.47 -16.86 16.40
C VAL C 240 -14.63 -17.12 15.46
N GLY C 241 -15.59 -17.90 15.93
CA GLY C 241 -16.74 -18.21 15.11
C GLY C 241 -17.91 -18.96 15.76
N ASP C 242 -18.79 -19.46 14.88
CA ASP C 242 -19.99 -20.21 15.26
C ASP C 242 -20.18 -21.01 14.00
N ASP C 243 -20.35 -22.30 14.12
CA ASP C 243 -20.53 -23.10 12.94
C ASP C 243 -21.96 -23.08 12.50
N ASP C 244 -22.83 -22.60 13.38
CA ASP C 244 -24.25 -22.54 13.08
C ASP C 244 -24.56 -21.31 12.34
N GLN C 245 -23.57 -20.50 12.05
CA GLN C 245 -23.80 -19.28 11.28
C GLN C 245 -23.09 -19.37 9.90
N SER C 246 -22.59 -20.55 9.57
CA SER C 246 -21.96 -20.75 8.30
C SER C 246 -23.09 -20.73 7.29
N ILE C 247 -23.09 -19.76 6.39
CA ILE C 247 -24.11 -19.76 5.36
C ILE C 247 -23.52 -19.53 3.98
N TYR C 248 -22.32 -18.92 3.87
CA TYR C 248 -21.75 -18.69 2.54
C TYR C 248 -20.89 -19.86 2.10
N SER C 249 -21.42 -21.06 2.30
CA SER C 249 -20.70 -22.26 1.93
C SER C 249 -20.58 -22.37 0.44
N TRP C 250 -21.65 -21.97 -0.25
CA TRP C 250 -21.69 -22.03 -1.71
C TRP C 250 -20.68 -21.09 -2.33
N ARG C 251 -19.91 -20.43 -1.48
CA ARG C 251 -18.89 -19.49 -1.93
C ARG C 251 -17.48 -19.69 -1.36
N GLY C 252 -17.14 -20.97 -1.16
CA GLY C 252 -15.83 -21.35 -0.66
C GLY C 252 -15.66 -21.39 0.84
N ALA C 253 -16.74 -21.18 1.58
CA ALA C 253 -16.61 -21.22 3.01
C ALA C 253 -16.67 -22.68 3.45
N ARG C 254 -15.55 -23.15 3.98
CA ARG C 254 -15.45 -24.51 4.47
C ARG C 254 -16.22 -24.60 5.78
N PRO C 255 -17.42 -25.20 5.75
CA PRO C 255 -18.24 -25.34 6.97
C PRO C 255 -17.46 -25.94 8.16
N GLN C 256 -16.89 -27.10 7.90
CA GLN C 256 -16.14 -27.85 8.90
C GLN C 256 -14.83 -27.20 9.29
N ASN C 257 -14.74 -25.91 9.02
CA ASN C 257 -13.56 -25.15 9.33
C ASN C 257 -13.19 -25.24 10.78
N LEU C 258 -14.21 -25.17 11.62
CA LEU C 258 -14.02 -25.26 13.05
C LEU C 258 -13.51 -26.65 13.44
N VAL C 259 -13.98 -27.67 12.71
CA VAL C 259 -13.55 -29.03 12.93
C VAL C 259 -12.17 -29.20 12.32
N LEU C 260 -12.03 -28.94 11.01
CA LEU C 260 -10.73 -29.07 10.34
C LEU C 260 -9.68 -28.48 11.22
N LEU C 261 -9.99 -27.31 11.80
CA LEU C 261 -9.09 -26.65 12.70
C LEU C 261 -8.68 -27.59 13.76
N SER C 262 -9.67 -28.17 14.43
CA SER C 262 -9.41 -29.12 15.52
C SER C 262 -8.40 -30.22 15.12
N GLN C 263 -8.38 -30.60 13.84
CA GLN C 263 -7.42 -31.60 13.39
C GLN C 263 -6.02 -31.00 13.22
N ASP C 264 -5.74 -30.34 12.10
CA ASP C 264 -4.38 -29.81 11.92
C ASP C 264 -4.00 -28.77 13.01
N PHE C 265 -4.57 -28.97 14.20
CA PHE C 265 -4.32 -28.10 15.40
C PHE C 265 -5.01 -28.75 16.61
N PRO C 266 -4.44 -29.79 17.18
CA PRO C 266 -5.05 -30.51 18.32
C PRO C 266 -4.99 -30.08 19.79
N ALA C 267 -4.14 -29.10 20.08
CA ALA C 267 -4.03 -28.57 21.43
C ALA C 267 -5.04 -27.42 21.50
N LEU C 268 -5.93 -27.41 20.51
CA LEU C 268 -6.96 -26.39 20.35
C LEU C 268 -7.78 -26.34 21.61
N LYS C 269 -7.99 -25.13 22.09
CA LYS C 269 -8.75 -24.95 23.30
C LYS C 269 -10.08 -24.28 22.95
N VAL C 270 -11.15 -25.05 22.78
CA VAL C 270 -12.39 -24.42 22.43
C VAL C 270 -13.02 -23.73 23.61
N ILE C 271 -12.99 -22.41 23.63
CA ILE C 271 -13.64 -21.66 24.69
C ILE C 271 -14.94 -21.18 24.03
N LYS C 272 -16.10 -21.43 24.66
CA LYS C 272 -17.36 -21.01 24.04
C LYS C 272 -18.12 -20.02 24.82
N LEU C 273 -18.64 -19.04 24.08
CA LEU C 273 -19.47 -17.95 24.61
C LEU C 273 -20.94 -18.29 24.36
N GLU C 274 -21.69 -18.48 25.43
CA GLU C 274 -23.10 -18.85 25.33
C GLU C 274 -24.11 -17.77 25.74
N GLN C 275 -23.69 -16.82 26.56
CA GLN C 275 -24.56 -15.77 27.04
C GLN C 275 -24.93 -14.81 25.98
N ASN C 276 -26.20 -14.52 25.81
CA ASN C 276 -26.63 -13.59 24.75
C ASN C 276 -27.13 -12.33 25.34
N TYR C 277 -26.76 -11.21 24.74
CA TYR C 277 -27.19 -9.93 25.24
C TYR C 277 -28.28 -9.27 24.51
N ARG C 278 -28.77 -9.88 23.44
CA ARG C 278 -29.84 -9.25 22.68
C ARG C 278 -31.21 -9.85 22.70
N SER C 279 -31.35 -11.10 22.28
CA SER C 279 -32.67 -11.70 22.21
C SER C 279 -33.37 -12.09 23.50
N SER C 280 -34.67 -12.03 23.45
CA SER C 280 -35.47 -12.44 24.56
C SER C 280 -35.15 -13.90 24.75
N GLY C 281 -35.58 -14.41 25.89
CA GLY C 281 -35.38 -15.80 26.23
C GLY C 281 -36.18 -16.57 25.24
N ARG C 282 -37.40 -16.15 25.00
CA ARG C 282 -38.21 -16.89 24.07
C ARG C 282 -37.60 -17.07 22.71
N ILE C 283 -36.96 -16.06 22.17
CA ILE C 283 -36.36 -16.18 20.84
C ILE C 283 -35.27 -17.19 20.89
N LEU C 284 -34.40 -17.01 21.86
CA LEU C 284 -33.28 -17.92 22.00
C LEU C 284 -33.74 -19.34 22.14
N LYS C 285 -34.81 -19.56 22.89
CA LYS C 285 -35.26 -20.91 23.04
C LYS C 285 -35.63 -21.50 21.68
N ALA C 286 -36.34 -20.76 20.89
CA ALA C 286 -36.72 -21.29 19.61
C ALA C 286 -35.46 -21.59 18.81
N ALA C 287 -34.62 -20.58 18.67
CA ALA C 287 -33.42 -20.74 17.89
C ALA C 287 -32.69 -21.93 18.34
N ASN C 288 -32.49 -21.98 19.64
CA ASN C 288 -31.76 -23.04 20.24
C ASN C 288 -32.26 -24.36 19.88
N ILE C 289 -33.57 -24.44 19.72
CA ILE C 289 -34.14 -25.70 19.37
C ILE C 289 -34.09 -25.92 17.89
N LEU C 290 -34.57 -24.96 17.13
CA LEU C 290 -34.53 -25.11 15.69
C LEU C 290 -33.23 -25.75 15.20
N ILE C 291 -32.10 -25.22 15.67
CA ILE C 291 -30.79 -25.68 15.25
C ILE C 291 -30.35 -27.05 15.78
N ALA C 292 -31.03 -27.54 16.80
CA ALA C 292 -30.64 -28.84 17.32
C ALA C 292 -31.16 -29.91 16.42
N ASN C 293 -31.94 -29.54 15.42
CA ASN C 293 -32.44 -30.55 14.52
C ASN C 293 -31.29 -30.71 13.55
N ASN C 294 -30.30 -29.86 13.62
CA ASN C 294 -29.19 -30.02 12.69
C ASN C 294 -28.23 -31.01 13.33
N PRO C 295 -27.61 -31.90 12.51
CA PRO C 295 -26.66 -32.87 13.06
C PRO C 295 -25.70 -31.97 13.77
N HIS C 296 -25.50 -32.20 15.05
CA HIS C 296 -24.65 -31.27 15.75
C HIS C 296 -23.47 -31.88 16.44
N VAL C 297 -22.37 -31.17 16.24
CA VAL C 297 -21.04 -31.46 16.76
C VAL C 297 -20.75 -30.76 18.09
N PHE C 298 -20.25 -29.52 18.03
CA PHE C 298 -19.97 -28.78 19.26
C PHE C 298 -21.35 -28.51 19.86
N GLU C 299 -21.52 -28.73 21.16
CA GLU C 299 -22.82 -28.45 21.76
C GLU C 299 -22.71 -26.97 22.11
N LYS C 300 -23.75 -26.18 21.84
CA LYS C 300 -23.76 -24.73 22.14
C LYS C 300 -25.22 -24.53 22.43
N ARG C 301 -25.54 -24.03 23.63
CA ARG C 301 -26.94 -23.85 24.04
C ARG C 301 -26.99 -22.48 24.68
N LEU C 302 -27.49 -21.52 23.88
CA LEU C 302 -27.61 -20.09 24.15
C LEU C 302 -28.52 -19.67 25.28
N PHE C 303 -28.25 -18.51 25.86
CA PHE C 303 -29.09 -18.02 26.95
C PHE C 303 -28.90 -16.55 27.23
N SER C 304 -29.97 -15.84 27.47
CA SER C 304 -29.82 -14.44 27.77
C SER C 304 -30.41 -14.14 29.09
N GLU C 305 -30.01 -12.98 29.62
CA GLU C 305 -30.47 -12.47 30.91
C GLU C 305 -31.57 -11.41 30.73
N LEU C 306 -32.29 -11.49 29.63
CA LEU C 306 -33.35 -10.55 29.36
C LEU C 306 -34.63 -11.29 29.55
N GLY C 307 -35.72 -10.56 29.57
CA GLY C 307 -37.00 -11.19 29.80
C GLY C 307 -37.50 -12.05 28.66
N TYR C 308 -38.29 -13.05 29.03
CA TYR C 308 -38.92 -13.95 28.08
C TYR C 308 -39.76 -12.98 27.28
N GLY C 309 -39.75 -13.13 25.99
CA GLY C 309 -40.52 -12.16 25.24
C GLY C 309 -41.97 -12.40 25.03
N ALA C 310 -42.39 -12.07 23.83
CA ALA C 310 -43.73 -12.22 23.39
C ALA C 310 -43.75 -13.39 22.42
N GLU C 311 -44.86 -14.12 22.34
CA GLU C 311 -44.97 -15.27 21.46
C GLU C 311 -44.61 -14.97 20.02
N LEU C 312 -44.00 -15.96 19.39
CA LEU C 312 -43.58 -15.85 18.02
C LEU C 312 -44.82 -16.09 17.29
N LYS C 313 -45.25 -15.18 16.46
CA LYS C 313 -46.50 -15.38 15.75
C LYS C 313 -46.19 -15.92 14.41
N VAL C 314 -47.17 -16.61 13.81
CA VAL C 314 -47.01 -17.16 12.46
C VAL C 314 -48.18 -16.71 11.59
N LEU C 315 -48.07 -15.54 10.95
CA LEU C 315 -49.14 -15.01 10.08
C LEU C 315 -49.17 -15.79 8.77
N SER C 316 -50.32 -16.36 8.45
CA SER C 316 -50.50 -17.12 7.20
C SER C 316 -51.28 -16.29 6.17
N ALA C 317 -50.59 -15.84 5.12
CA ALA C 317 -51.20 -15.00 4.06
C ALA C 317 -51.72 -15.87 2.93
N ASN C 318 -52.67 -15.35 2.17
CA ASN C 318 -53.22 -16.15 1.08
C ASN C 318 -52.33 -16.17 -0.12
N ASN C 319 -51.83 -15.03 -0.55
CA ASN C 319 -51.01 -15.09 -1.73
C ASN C 319 -49.82 -14.21 -1.64
N GLU C 320 -49.09 -14.13 -2.74
CA GLU C 320 -47.89 -13.34 -2.70
C GLU C 320 -48.09 -11.95 -2.19
N GLU C 321 -49.15 -11.30 -2.67
CA GLU C 321 -49.43 -9.91 -2.25
C GLU C 321 -49.97 -9.82 -0.85
N HIS C 322 -51.03 -10.55 -0.56
CA HIS C 322 -51.59 -10.53 0.78
C HIS C 322 -50.50 -10.42 1.86
N GLU C 323 -49.50 -11.25 1.71
CA GLU C 323 -48.39 -11.21 2.64
C GLU C 323 -47.89 -9.80 2.93
N ALA C 324 -47.30 -9.19 1.91
CA ALA C 324 -46.75 -7.87 2.03
C ALA C 324 -47.74 -6.99 2.68
N GLU C 325 -48.97 -7.10 2.21
CA GLU C 325 -50.06 -6.28 2.72
C GLU C 325 -50.20 -6.42 4.23
N ARG C 326 -50.28 -7.66 4.68
CA ARG C 326 -50.42 -7.92 6.09
C ARG C 326 -49.25 -7.35 6.87
N VAL C 327 -48.03 -7.63 6.43
CA VAL C 327 -46.88 -7.16 7.14
C VAL C 327 -46.86 -5.67 7.24
N THR C 328 -46.78 -5.03 6.10
CA THR C 328 -46.77 -3.58 6.05
C THR C 328 -47.87 -3.04 6.94
N GLY C 329 -48.97 -3.75 6.88
CA GLY C 329 -50.10 -3.35 7.68
C GLY C 329 -49.75 -3.46 9.12
N GLU C 330 -49.28 -4.64 9.52
CA GLU C 330 -48.97 -4.91 10.92
C GLU C 330 -47.74 -4.18 11.40
N LEU C 331 -46.89 -3.83 10.45
CA LEU C 331 -45.68 -3.14 10.75
C LEU C 331 -46.16 -1.85 11.30
N ILE C 332 -46.94 -1.15 10.49
CA ILE C 332 -47.52 0.16 10.84
C ILE C 332 -48.26 0.25 12.20
N ALA C 333 -49.15 -0.70 12.44
CA ALA C 333 -49.95 -0.68 13.64
C ALA C 333 -49.06 -0.72 14.81
N HIS C 334 -48.23 -1.74 14.85
CA HIS C 334 -47.30 -1.91 15.94
C HIS C 334 -46.74 -0.54 16.19
N HIS C 335 -46.01 -0.10 15.20
CA HIS C 335 -45.35 1.17 15.22
C HIS C 335 -46.26 2.25 15.78
N PHE C 336 -47.44 2.42 15.23
CA PHE C 336 -48.21 3.47 15.79
C PHE C 336 -48.42 3.25 17.26
N VAL C 337 -49.05 2.18 17.62
CA VAL C 337 -49.35 1.89 19.00
C VAL C 337 -48.17 1.87 19.91
N ASN C 338 -47.03 1.38 19.47
CA ASN C 338 -45.92 1.40 20.40
C ASN C 338 -44.95 2.53 20.25
N LYS C 339 -45.33 3.59 19.55
CA LYS C 339 -44.43 4.74 19.32
C LYS C 339 -42.90 4.40 19.15
N THR C 340 -42.54 3.49 18.23
CA THR C 340 -41.12 3.08 18.01
C THR C 340 -40.48 3.76 16.80
N GLN C 341 -39.46 3.14 16.16
CA GLN C 341 -38.88 3.75 14.98
C GLN C 341 -38.80 2.80 13.80
N TYR C 342 -39.04 3.39 12.63
CA TYR C 342 -39.06 2.68 11.37
C TYR C 342 -37.85 1.78 11.21
N LYS C 343 -36.77 2.10 11.91
CA LYS C 343 -35.56 1.33 11.82
C LYS C 343 -35.48 0.20 12.83
N ASP C 344 -36.42 0.17 13.76
CA ASP C 344 -36.47 -0.89 14.73
C ASP C 344 -37.01 -2.08 13.97
N TYR C 345 -37.52 -1.87 12.77
CA TYR C 345 -38.10 -2.97 12.02
C TYR C 345 -37.26 -3.52 10.95
N ALA C 346 -37.37 -4.80 10.77
CA ALA C 346 -36.65 -5.42 9.66
C ALA C 346 -37.50 -6.51 8.98
N ILE C 347 -37.41 -6.62 7.66
CA ILE C 347 -38.20 -7.62 6.93
C ILE C 347 -37.20 -8.51 6.14
N LEU C 348 -37.12 -9.80 6.45
CA LEU C 348 -36.14 -10.68 5.81
C LEU C 348 -36.71 -11.79 4.95
N TYR C 349 -36.06 -12.04 3.82
CA TYR C 349 -36.56 -13.04 2.90
C TYR C 349 -35.40 -13.84 2.36
N ARG C 350 -35.71 -14.91 1.59
CA ARG C 350 -34.66 -15.77 1.02
C ARG C 350 -34.13 -15.20 -0.27
N GLY C 351 -35.02 -15.08 -1.23
CA GLY C 351 -34.60 -14.56 -2.51
C GLY C 351 -34.85 -13.07 -2.60
N ASN C 352 -34.23 -12.43 -3.59
CA ASN C 352 -34.35 -11.00 -3.82
C ASN C 352 -35.69 -10.52 -4.37
N HIS C 353 -36.44 -11.39 -5.02
CA HIS C 353 -37.71 -10.94 -5.55
C HIS C 353 -38.75 -10.72 -4.49
N GLN C 354 -38.78 -11.55 -3.47
CA GLN C 354 -39.79 -11.40 -2.48
C GLN C 354 -39.82 -9.95 -2.03
N SER C 355 -38.77 -9.18 -2.35
CA SER C 355 -38.71 -7.79 -1.95
C SER C 355 -39.66 -6.91 -2.71
N ARG C 356 -39.59 -7.00 -4.03
CA ARG C 356 -40.42 -6.24 -4.91
C ARG C 356 -41.77 -5.88 -4.33
N VAL C 357 -42.55 -6.88 -3.99
CA VAL C 357 -43.86 -6.57 -3.49
C VAL C 357 -43.92 -5.75 -2.22
N PHE C 358 -42.98 -5.95 -1.30
CA PHE C 358 -43.02 -5.14 -0.10
C PHE C 358 -42.71 -3.74 -0.48
N GLU C 359 -41.71 -3.62 -1.33
CA GLU C 359 -41.29 -2.31 -1.78
C GLU C 359 -42.54 -1.58 -2.18
N LYS C 360 -43.51 -2.32 -2.70
CA LYS C 360 -44.72 -1.67 -3.07
C LYS C 360 -45.42 -1.07 -1.86
N PHE C 361 -46.10 -1.92 -1.10
CA PHE C 361 -46.85 -1.45 0.03
C PHE C 361 -46.08 -0.43 0.83
N LEU C 362 -44.87 -0.80 1.25
CA LEU C 362 -44.04 0.13 2.03
C LEU C 362 -44.12 1.52 1.43
N MET C 363 -43.74 1.58 0.17
CA MET C 363 -43.78 2.84 -0.50
C MET C 363 -45.22 3.30 -0.57
N GLN C 364 -46.11 2.42 -0.98
CA GLN C 364 -47.50 2.78 -1.13
C GLN C 364 -48.09 3.31 0.13
N ASN C 365 -47.39 3.16 1.25
CA ASN C 365 -47.92 3.64 2.49
C ASN C 365 -46.96 4.64 3.12
N ARG C 366 -46.27 5.39 2.26
CA ARG C 366 -45.31 6.37 2.71
C ARG C 366 -44.48 5.92 3.94
N ILE C 367 -44.13 4.65 3.92
CA ILE C 367 -43.33 4.07 4.94
C ILE C 367 -41.95 4.05 4.38
N PRO C 368 -41.01 4.77 4.97
CA PRO C 368 -39.62 4.82 4.50
C PRO C 368 -38.97 3.45 4.64
N TYR C 369 -37.94 3.14 3.85
CA TYR C 369 -37.29 1.84 3.95
C TYR C 369 -35.91 1.80 3.31
N LYS C 370 -35.25 0.65 3.35
CA LYS C 370 -33.94 0.48 2.75
C LYS C 370 -33.83 -0.90 2.19
N ILE C 371 -33.37 -1.03 0.95
CA ILE C 371 -33.28 -2.35 0.37
C ILE C 371 -31.91 -2.93 0.49
N SER C 372 -31.32 -2.80 1.68
CA SER C 372 -29.96 -3.30 1.97
C SER C 372 -29.56 -4.51 1.10
N GLY C 373 -30.34 -5.58 1.20
CA GLY C 373 -30.05 -6.73 0.38
C GLY C 373 -30.53 -6.37 -1.01
N GLY C 374 -29.67 -5.72 -1.80
CA GLY C 374 -30.01 -5.35 -3.18
C GLY C 374 -30.11 -3.92 -3.69
N THR C 375 -31.06 -3.72 -4.62
CA THR C 375 -31.34 -2.42 -5.27
C THR C 375 -32.84 -2.07 -5.41
N SER C 376 -33.23 -1.04 -4.66
CA SER C 376 -34.58 -0.53 -4.64
C SER C 376 -35.15 -0.29 -6.01
N PHE C 377 -36.20 -1.02 -6.32
CA PHE C 377 -36.93 -0.95 -7.59
C PHE C 377 -36.95 0.47 -8.09
N PHE C 378 -37.31 1.36 -7.19
CA PHE C 378 -37.43 2.74 -7.52
C PHE C 378 -36.18 3.51 -7.95
N SER C 379 -35.07 2.81 -8.16
CA SER C 379 -33.85 3.49 -8.62
C SER C 379 -33.65 3.13 -10.07
N ARG C 380 -33.84 1.84 -10.35
CA ARG C 380 -33.70 1.25 -11.68
C ARG C 380 -34.10 2.24 -12.78
N PRO C 381 -33.09 2.83 -13.41
CA PRO C 381 -33.26 3.81 -14.46
C PRO C 381 -34.55 3.75 -15.27
N GLU C 382 -34.88 2.59 -15.82
CA GLU C 382 -36.11 2.48 -16.59
C GLU C 382 -37.23 3.08 -15.79
N ILE C 383 -37.25 2.83 -14.49
CA ILE C 383 -38.30 3.38 -13.62
C ILE C 383 -38.05 4.81 -13.18
N LYS C 384 -36.78 5.19 -13.10
CA LYS C 384 -36.45 6.54 -12.70
C LYS C 384 -36.98 7.46 -13.79
N ASP C 385 -36.67 7.08 -15.03
CA ASP C 385 -37.10 7.81 -16.22
C ASP C 385 -38.62 7.93 -16.20
N LEU C 386 -39.32 6.82 -16.37
CA LEU C 386 -40.77 6.81 -16.35
C LEU C 386 -41.30 7.71 -15.26
N LEU C 387 -40.72 7.59 -14.07
CA LEU C 387 -41.14 8.41 -12.95
C LEU C 387 -41.13 9.84 -13.39
N ALA C 388 -39.96 10.35 -13.77
CA ALA C 388 -39.80 11.73 -14.22
C ALA C 388 -40.85 12.28 -15.21
N TYR C 389 -41.22 11.52 -16.26
CA TYR C 389 -42.27 11.97 -17.17
C TYR C 389 -43.43 12.29 -16.29
N LEU C 390 -43.87 11.27 -15.57
CA LEU C 390 -44.99 11.39 -14.63
C LEU C 390 -44.77 12.60 -13.70
N ARG C 391 -43.57 12.81 -13.20
CA ARG C 391 -43.30 13.94 -12.32
C ARG C 391 -43.58 15.20 -13.08
N VAL C 392 -43.06 15.26 -14.31
CA VAL C 392 -43.26 16.39 -15.23
C VAL C 392 -44.75 16.63 -15.39
N LEU C 393 -45.45 15.65 -15.99
CA LEU C 393 -46.88 15.74 -16.20
C LEU C 393 -47.52 16.40 -14.99
N THR C 394 -47.43 15.71 -13.86
CA THR C 394 -47.99 16.23 -12.62
C THR C 394 -47.46 17.60 -12.23
N ASN C 395 -46.25 17.94 -12.64
CA ASN C 395 -45.72 19.23 -12.25
C ASN C 395 -44.84 19.80 -13.32
N PRO C 396 -45.41 20.64 -14.20
CA PRO C 396 -44.61 21.24 -15.28
C PRO C 396 -43.58 22.31 -14.84
N ASP C 397 -43.30 22.37 -13.53
CA ASP C 397 -42.33 23.33 -12.97
C ASP C 397 -41.01 22.66 -12.49
N ASP C 398 -40.94 21.32 -12.63
CA ASP C 398 -39.78 20.48 -12.24
C ASP C 398 -38.72 20.30 -13.35
N ASP C 399 -37.97 21.36 -13.62
CA ASP C 399 -36.94 21.34 -14.63
C ASP C 399 -36.09 20.08 -14.47
N SER C 400 -35.94 19.66 -13.21
CA SER C 400 -35.21 18.44 -12.82
C SER C 400 -35.63 17.32 -13.74
N ALA C 401 -36.91 16.98 -13.65
CA ALA C 401 -37.52 15.92 -14.44
C ALA C 401 -37.43 16.14 -15.96
N PHE C 402 -37.85 17.32 -16.45
CA PHE C 402 -37.81 17.60 -17.90
C PHE C 402 -36.39 17.47 -18.39
N LEU C 403 -35.49 18.20 -17.72
CA LEU C 403 -34.07 18.17 -18.07
C LEU C 403 -33.66 16.73 -18.28
N ARG C 404 -34.21 15.85 -17.46
CA ARG C 404 -33.88 14.45 -17.57
C ARG C 404 -34.61 13.69 -18.67
N ILE C 405 -35.90 13.94 -18.84
CA ILE C 405 -36.67 13.22 -19.86
C ILE C 405 -36.62 13.82 -21.26
N VAL C 406 -36.10 15.04 -21.34
CA VAL C 406 -35.96 15.78 -22.59
C VAL C 406 -35.77 14.89 -23.80
N ASN C 407 -34.53 14.45 -23.94
CA ASN C 407 -34.13 13.65 -25.05
C ASN C 407 -33.93 12.22 -24.64
N THR C 408 -33.79 11.96 -23.35
CA THR C 408 -33.52 10.60 -22.90
C THR C 408 -34.40 9.54 -23.52
N PRO C 409 -35.71 9.65 -23.62
CA PRO C 409 -36.47 8.62 -24.33
C PRO C 409 -36.03 8.52 -25.81
N LYS C 410 -35.15 9.48 -26.25
CA LYS C 410 -34.45 9.42 -27.61
C LYS C 410 -34.89 10.41 -28.74
N ARG C 411 -35.01 11.72 -28.46
CA ARG C 411 -35.34 12.70 -29.54
C ARG C 411 -34.01 13.30 -30.09
N GLU C 412 -34.02 14.55 -30.58
CA GLU C 412 -32.77 15.18 -31.11
C GLU C 412 -32.50 16.58 -30.58
N ILE C 413 -32.93 16.80 -29.34
CA ILE C 413 -32.78 18.07 -28.65
C ILE C 413 -31.39 18.20 -28.02
N GLY C 414 -30.42 18.65 -28.84
CA GLY C 414 -29.05 18.83 -28.37
C GLY C 414 -28.92 19.68 -27.10
N PRO C 415 -27.72 19.67 -26.47
CA PRO C 415 -27.43 20.42 -25.22
C PRO C 415 -27.60 21.92 -25.42
N ALA C 416 -27.34 22.33 -26.67
CA ALA C 416 -27.44 23.70 -27.12
C ALA C 416 -28.90 24.10 -27.03
N THR C 417 -29.71 23.42 -27.84
CA THR C 417 -31.15 23.68 -27.88
C THR C 417 -31.73 23.55 -26.46
N LEU C 418 -30.94 22.95 -25.57
CA LEU C 418 -31.35 22.81 -24.19
C LEU C 418 -30.77 23.93 -23.34
N LYS C 419 -29.50 24.24 -23.51
CA LYS C 419 -28.94 25.31 -22.70
C LYS C 419 -29.46 26.70 -23.09
N LYS C 420 -29.84 26.83 -24.36
CA LYS C 420 -30.40 28.10 -24.84
C LYS C 420 -31.86 28.30 -24.37
N LEU C 421 -32.62 27.21 -24.26
CA LEU C 421 -34.02 27.27 -23.78
C LEU C 421 -33.93 27.56 -22.28
N GLY C 422 -32.95 26.90 -21.65
CA GLY C 422 -32.69 27.06 -20.23
C GLY C 422 -32.29 28.50 -20.02
N GLU C 423 -31.33 28.99 -20.80
CA GLU C 423 -30.88 30.37 -20.69
C GLU C 423 -31.95 31.43 -20.90
N TRP C 424 -32.91 31.16 -21.78
CA TRP C 424 -33.98 32.10 -22.01
C TRP C 424 -35.09 31.87 -20.98
N ALA C 425 -35.26 30.60 -20.59
CA ALA C 425 -36.23 30.23 -19.56
C ALA C 425 -35.77 30.87 -18.23
N MET C 426 -34.46 30.84 -18.01
CA MET C 426 -33.82 31.38 -16.80
C MET C 426 -34.01 32.87 -16.55
N THR C 427 -33.84 33.67 -17.60
CA THR C 427 -34.01 35.11 -17.49
C THR C 427 -35.48 35.55 -17.63
N ARG C 428 -36.33 34.69 -18.21
CA ARG C 428 -37.77 34.97 -18.32
C ARG C 428 -38.42 34.37 -17.07
N ASN C 429 -37.56 33.85 -16.16
CA ASN C 429 -37.89 33.22 -14.88
C ASN C 429 -39.08 32.21 -14.91
N LYS C 430 -38.76 30.96 -15.29
CA LYS C 430 -39.73 29.84 -15.39
C LYS C 430 -39.09 28.45 -15.59
N SER C 431 -39.95 27.49 -15.93
CA SER C 431 -39.50 26.12 -16.19
C SER C 431 -39.16 26.02 -17.65
N MET C 432 -38.32 25.04 -17.97
CA MET C 432 -37.94 24.82 -19.35
C MET C 432 -39.18 24.50 -20.20
N PHE C 433 -39.91 23.43 -19.85
CA PHE C 433 -41.10 23.01 -20.62
C PHE C 433 -42.07 24.13 -20.87
N THR C 434 -42.25 24.97 -19.85
CA THR C 434 -43.15 26.10 -19.94
C THR C 434 -42.53 27.09 -20.92
N ALA C 435 -41.29 27.49 -20.64
CA ALA C 435 -40.56 28.43 -21.49
C ALA C 435 -40.32 27.85 -22.87
N SER C 436 -40.42 26.53 -22.98
CA SER C 436 -40.22 25.87 -24.26
C SER C 436 -41.42 26.16 -25.16
N PHE C 437 -42.22 27.15 -24.73
CA PHE C 437 -43.41 27.59 -25.45
C PHE C 437 -43.51 29.14 -25.72
N ASP C 438 -42.76 29.94 -24.95
CA ASP C 438 -42.73 31.40 -25.11
C ASP C 438 -42.28 31.74 -26.53
N MET C 439 -43.07 32.54 -27.25
CA MET C 439 -42.74 32.92 -28.63
C MET C 439 -41.48 33.78 -28.75
N GLY C 440 -41.00 34.27 -27.60
CA GLY C 440 -39.77 35.07 -27.57
C GLY C 440 -38.53 34.19 -27.56
N LEU C 441 -38.71 32.91 -27.21
CA LEU C 441 -37.61 31.92 -27.18
C LEU C 441 -37.29 31.47 -28.61
N SER C 442 -38.30 31.59 -29.48
CA SER C 442 -38.19 31.21 -30.88
C SER C 442 -36.90 31.64 -31.60
N GLN C 443 -36.43 32.88 -31.37
CA GLN C 443 -35.19 33.33 -32.03
C GLN C 443 -33.90 33.39 -31.18
N THR C 444 -34.00 33.04 -29.90
CA THR C 444 -32.80 32.97 -29.08
C THR C 444 -32.18 31.67 -29.59
N LEU C 445 -33.07 30.74 -29.95
CA LEU C 445 -32.69 29.45 -30.49
C LEU C 445 -33.70 28.98 -31.52
N SER C 446 -33.20 28.50 -32.66
CA SER C 446 -34.06 28.00 -33.73
C SER C 446 -33.32 26.84 -34.34
N GLY C 447 -33.57 26.63 -35.63
CA GLY C 447 -32.92 25.56 -36.36
C GLY C 447 -33.72 24.28 -36.28
N ARG C 448 -33.01 23.16 -36.15
CA ARG C 448 -33.67 21.85 -36.03
C ARG C 448 -33.93 21.49 -34.54
N GLY C 449 -33.24 22.20 -33.64
CA GLY C 449 -33.40 22.00 -32.20
C GLY C 449 -34.74 22.54 -31.68
N TYR C 450 -35.20 23.66 -32.24
CA TYR C 450 -36.49 24.27 -31.88
C TYR C 450 -37.58 23.53 -32.70
N GLU C 451 -37.12 22.58 -33.54
CA GLU C 451 -37.95 21.75 -34.42
C GLU C 451 -38.25 20.37 -33.82
N ALA C 452 -37.59 20.08 -32.71
CA ALA C 452 -37.79 18.82 -31.98
C ALA C 452 -38.33 19.16 -30.59
N LEU C 453 -37.87 20.29 -30.03
CA LEU C 453 -38.29 20.75 -28.70
C LEU C 453 -39.78 21.10 -28.69
N THR C 454 -40.23 21.77 -29.76
CA THR C 454 -41.65 22.11 -29.90
C THR C 454 -42.39 20.78 -29.87
N ARG C 455 -42.19 20.00 -30.94
CA ARG C 455 -42.78 18.68 -31.14
C ARG C 455 -42.93 17.89 -29.84
N PHE C 456 -41.81 17.66 -29.17
CA PHE C 456 -41.81 16.91 -27.93
C PHE C 456 -42.65 17.60 -26.87
N THR C 457 -42.21 18.79 -26.46
CA THR C 457 -42.91 19.60 -25.47
C THR C 457 -44.40 19.67 -25.78
N HIS C 458 -44.75 19.44 -27.05
CA HIS C 458 -46.15 19.41 -27.50
C HIS C 458 -46.71 18.07 -27.04
N TRP C 459 -46.12 17.01 -27.59
CA TRP C 459 -46.55 15.64 -27.30
C TRP C 459 -46.82 15.42 -25.86
N LEU C 460 -46.02 16.05 -25.03
CA LEU C 460 -46.19 15.91 -23.61
C LEU C 460 -47.44 16.64 -23.15
N ALA C 461 -47.48 17.97 -23.37
CA ALA C 461 -48.61 18.82 -22.98
C ALA C 461 -50.00 18.34 -23.38
N GLU C 462 -50.11 17.81 -24.60
CA GLU C 462 -51.39 17.30 -25.10
C GLU C 462 -51.74 16.00 -24.35
N ILE C 463 -50.72 15.32 -23.83
CA ILE C 463 -50.94 14.10 -23.07
C ILE C 463 -51.24 14.56 -21.65
N GLN C 464 -50.42 15.49 -21.14
CA GLN C 464 -50.61 16.02 -19.81
C GLN C 464 -52.00 16.60 -19.71
N ARG C 465 -52.44 17.17 -20.82
CA ARG C 465 -53.78 17.72 -20.90
C ARG C 465 -54.71 16.54 -20.59
N LEU C 466 -54.76 15.55 -21.48
CA LEU C 466 -55.63 14.39 -21.31
C LEU C 466 -55.55 13.65 -19.96
N ALA C 467 -54.34 13.45 -19.45
CA ALA C 467 -54.18 12.77 -18.17
C ALA C 467 -55.12 13.38 -17.16
N GLU C 468 -55.49 14.62 -17.43
CA GLU C 468 -56.39 15.35 -16.59
C GLU C 468 -57.72 14.69 -16.29
N ARG C 469 -58.11 13.73 -17.13
CA ARG C 469 -59.37 13.05 -16.90
C ARG C 469 -59.23 11.53 -17.08
N GLU C 470 -58.29 11.13 -17.96
CA GLU C 470 -57.96 9.71 -18.25
C GLU C 470 -56.46 9.47 -18.02
N PRO C 471 -56.04 9.59 -16.74
CA PRO C 471 -54.64 9.40 -16.36
C PRO C 471 -54.09 8.17 -17.05
N ILE C 472 -54.63 7.04 -16.65
CA ILE C 472 -54.30 5.74 -17.19
C ILE C 472 -53.99 5.82 -18.69
N ALA C 473 -55.02 6.21 -19.44
CA ALA C 473 -54.94 6.34 -20.88
C ALA C 473 -53.73 7.17 -21.16
N ALA C 474 -53.76 8.39 -20.64
CA ALA C 474 -52.66 9.30 -20.85
C ALA C 474 -51.32 8.60 -20.62
N VAL C 475 -51.13 8.04 -19.43
CA VAL C 475 -49.89 7.39 -19.12
C VAL C 475 -49.67 6.31 -20.16
N ARG C 476 -50.68 5.46 -20.36
CA ARG C 476 -50.59 4.37 -21.32
C ARG C 476 -50.09 4.87 -22.68
N ASP C 477 -50.57 6.05 -23.02
CA ASP C 477 -50.21 6.70 -24.26
C ASP C 477 -48.81 7.28 -24.14
N LEU C 478 -48.46 7.80 -22.96
CA LEU C 478 -47.13 8.34 -22.70
C LEU C 478 -46.10 7.26 -22.95
N ILE C 479 -46.50 6.03 -22.61
CA ILE C 479 -45.71 4.81 -22.76
C ILE C 479 -45.40 4.49 -24.24
N HIS C 480 -46.37 3.89 -24.93
CA HIS C 480 -46.20 3.51 -26.32
C HIS C 480 -45.82 4.71 -27.16
N GLY C 481 -46.15 5.91 -26.68
CA GLY C 481 -45.84 7.13 -27.41
C GLY C 481 -44.40 7.26 -27.87
N MET C 482 -43.47 7.33 -26.91
CA MET C 482 -42.02 7.46 -27.20
C MET C 482 -41.37 6.08 -27.49
N ASP C 483 -42.21 5.03 -27.41
CA ASP C 483 -41.81 3.64 -27.61
C ASP C 483 -40.58 3.29 -26.76
N TYR C 484 -40.70 3.58 -25.46
CA TYR C 484 -39.64 3.35 -24.48
C TYR C 484 -39.20 1.94 -24.71
N GLU C 485 -40.18 1.07 -24.94
CA GLU C 485 -39.97 -0.34 -25.20
C GLU C 485 -38.79 -0.48 -26.15
N SER C 486 -38.95 0.04 -27.37
CA SER C 486 -37.90 -0.04 -28.37
C SER C 486 -36.64 0.59 -27.84
N TRP C 487 -36.81 1.76 -27.26
CA TRP C 487 -35.69 2.47 -26.72
C TRP C 487 -34.89 1.55 -25.80
N LEU C 488 -35.57 0.95 -24.82
CA LEU C 488 -34.89 0.09 -23.90
C LEU C 488 -34.13 -0.97 -24.69
N TYR C 489 -34.83 -1.73 -25.53
CA TYR C 489 -34.21 -2.79 -26.31
C TYR C 489 -32.93 -2.33 -27.01
N GLU C 490 -32.88 -1.03 -27.37
CA GLU C 490 -31.70 -0.51 -28.05
C GLU C 490 -30.62 -0.11 -27.04
N THR C 491 -31.04 0.43 -25.89
CA THR C 491 -30.14 0.88 -24.82
C THR C 491 -29.68 -0.19 -23.83
N SER C 492 -30.60 -1.09 -23.51
CA SER C 492 -30.33 -2.18 -22.60
C SER C 492 -29.32 -3.15 -23.28
N PRO C 493 -28.44 -3.79 -22.47
CA PRO C 493 -27.41 -4.76 -22.93
C PRO C 493 -28.09 -5.94 -23.62
N SER C 494 -28.13 -7.10 -22.97
CA SER C 494 -28.81 -8.27 -23.53
C SER C 494 -30.32 -7.95 -23.60
N PRO C 495 -31.02 -8.40 -24.66
CA PRO C 495 -32.46 -8.10 -24.74
C PRO C 495 -33.21 -8.48 -23.46
N LYS C 496 -32.94 -9.70 -22.97
CA LYS C 496 -33.55 -10.24 -21.75
C LYS C 496 -33.58 -9.18 -20.65
N ALA C 497 -32.59 -8.29 -20.68
CA ALA C 497 -32.50 -7.20 -19.71
C ALA C 497 -33.51 -6.16 -20.14
N ALA C 498 -33.52 -5.82 -21.42
CA ALA C 498 -34.49 -4.86 -21.88
C ALA C 498 -35.89 -5.40 -21.60
N GLU C 499 -36.07 -6.70 -21.76
CA GLU C 499 -37.34 -7.39 -21.53
C GLU C 499 -37.73 -7.13 -20.08
N MET C 500 -36.80 -7.40 -19.15
CA MET C 500 -37.08 -7.19 -17.75
C MET C 500 -37.22 -5.69 -17.46
N ARG C 501 -36.28 -4.91 -17.99
CA ARG C 501 -36.26 -3.45 -17.82
C ARG C 501 -37.64 -2.89 -18.17
N MET C 502 -38.30 -3.59 -19.08
CA MET C 502 -39.63 -3.26 -19.56
C MET C 502 -40.63 -3.80 -18.57
N LYS C 503 -40.49 -5.07 -18.26
CA LYS C 503 -41.37 -5.74 -17.32
C LYS C 503 -41.56 -4.78 -16.16
N ASN C 504 -40.46 -4.20 -15.67
CA ASN C 504 -40.51 -3.23 -14.56
C ASN C 504 -41.48 -2.12 -14.88
N VAL C 505 -41.26 -1.54 -16.03
CA VAL C 505 -42.09 -0.46 -16.49
C VAL C 505 -43.59 -0.78 -16.48
N ASN C 506 -43.95 -2.00 -16.85
CA ASN C 506 -45.35 -2.33 -16.78
C ASN C 506 -45.74 -2.29 -15.29
N GLN C 507 -45.00 -3.07 -14.52
CA GLN C 507 -45.20 -3.19 -13.07
C GLN C 507 -45.51 -1.84 -12.47
N LEU C 508 -44.63 -0.87 -12.70
CA LEU C 508 -44.84 0.44 -12.14
C LEU C 508 -46.21 0.92 -12.47
N PHE C 509 -46.44 0.99 -13.78
CA PHE C 509 -47.69 1.44 -14.33
C PHE C 509 -48.86 0.72 -13.69
N SER C 510 -48.84 -0.61 -13.73
CA SER C 510 -49.95 -1.31 -13.15
C SER C 510 -50.17 -0.89 -11.69
N TRP C 511 -49.08 -0.68 -10.94
CA TRP C 511 -49.20 -0.26 -9.56
C TRP C 511 -49.94 1.03 -9.65
N MET C 512 -49.26 2.01 -10.22
CA MET C 512 -49.85 3.33 -10.39
C MET C 512 -51.33 3.22 -10.76
N THR C 513 -51.69 2.23 -11.56
CA THR C 513 -53.07 2.05 -11.95
C THR C 513 -53.98 1.68 -10.81
N GLU C 514 -53.67 0.55 -10.18
CA GLU C 514 -54.48 0.03 -9.09
C GLU C 514 -54.82 1.14 -8.14
N MET C 515 -53.83 2.01 -7.95
CA MET C 515 -53.90 3.16 -7.06
C MET C 515 -54.90 4.19 -7.55
N LEU C 516 -54.86 4.48 -8.85
CA LEU C 516 -55.77 5.46 -9.46
C LEU C 516 -57.13 4.86 -9.50
N GLU C 517 -57.16 3.56 -9.66
CA GLU C 517 -58.41 2.86 -9.70
C GLU C 517 -58.99 2.87 -8.30
N GLY C 518 -58.12 2.92 -7.30
CA GLY C 518 -58.60 2.87 -5.93
C GLY C 518 -59.16 1.47 -5.66
N SER C 519 -59.87 1.31 -4.55
CA SER C 519 -60.44 0.01 -4.24
C SER C 519 -61.52 0.16 -3.23
N GLU C 520 -62.14 -0.98 -2.97
CA GLU C 520 -63.20 -1.19 -2.00
C GLU C 520 -63.04 -0.34 -0.73
N LEU C 521 -61.85 -0.33 -0.16
CA LEU C 521 -61.60 0.40 1.09
C LEU C 521 -60.64 1.57 0.87
N ASP C 522 -59.84 1.43 -0.17
CA ASP C 522 -58.92 2.47 -0.45
C ASP C 522 -59.54 3.39 -1.46
N GLU C 523 -59.96 4.56 -0.99
CA GLU C 523 -60.55 5.59 -1.86
C GLU C 523 -59.41 5.98 -2.87
N PRO C 524 -59.72 6.00 -4.18
CA PRO C 524 -58.79 6.33 -5.27
C PRO C 524 -57.97 7.59 -5.15
N MET C 525 -56.87 7.59 -5.89
CA MET C 525 -55.95 8.71 -5.85
C MET C 525 -55.82 9.52 -7.11
N THR C 526 -55.63 10.83 -6.92
CA THR C 526 -55.40 11.77 -8.02
C THR C 526 -54.02 11.36 -8.52
N LEU C 527 -53.78 11.49 -9.81
CA LEU C 527 -52.48 11.11 -10.33
C LEU C 527 -51.38 11.87 -9.60
N THR C 528 -51.66 13.10 -9.21
CA THR C 528 -50.67 13.89 -8.47
C THR C 528 -50.23 13.15 -7.20
N GLN C 529 -51.17 12.58 -6.47
CA GLN C 529 -50.78 11.87 -5.27
C GLN C 529 -50.07 10.57 -5.64
N VAL C 530 -50.70 9.78 -6.52
CA VAL C 530 -50.10 8.54 -6.97
C VAL C 530 -48.63 8.81 -7.31
N VAL C 531 -48.37 9.97 -7.88
CA VAL C 531 -47.01 10.33 -8.19
C VAL C 531 -46.22 10.54 -6.89
N THR C 532 -46.53 11.61 -6.13
CA THR C 532 -45.82 11.93 -4.89
C THR C 532 -45.49 10.68 -4.08
N ARG C 533 -46.44 9.73 -4.05
CA ARG C 533 -46.20 8.47 -3.37
C ARG C 533 -44.94 7.93 -4.04
N PHE C 534 -45.00 7.53 -5.30
CA PHE C 534 -43.79 7.05 -5.92
C PHE C 534 -42.54 7.92 -5.61
N THR C 535 -42.63 9.20 -5.89
CA THR C 535 -41.48 10.10 -5.74
C THR C 535 -40.66 10.17 -4.46
N LEU C 536 -41.32 10.27 -3.31
CA LEU C 536 -40.63 10.35 -2.01
C LEU C 536 -39.26 9.62 -1.91
N ARG C 537 -39.21 8.45 -2.55
CA ARG C 537 -38.01 7.64 -2.56
C ARG C 537 -36.84 8.49 -3.01
N ASP C 538 -36.94 8.99 -4.25
CA ASP C 538 -35.94 9.83 -4.87
C ASP C 538 -35.57 11.04 -3.99
N GLU C 547 -25.66 6.61 7.60
CA GLU C 547 -27.03 7.09 7.39
C GLU C 547 -27.66 7.42 8.73
N GLU C 548 -28.26 8.61 8.82
CA GLU C 548 -28.92 9.06 10.06
C GLU C 548 -30.44 9.19 9.79
N LEU C 549 -30.98 8.13 9.15
CA LEU C 549 -32.39 8.05 8.76
C LEU C 549 -33.19 6.85 9.31
N ASP C 550 -34.42 7.13 9.69
CA ASP C 550 -35.36 6.19 10.25
C ASP C 550 -35.96 5.48 9.08
N GLN C 551 -35.83 4.17 9.03
CA GLN C 551 -36.42 3.41 7.93
C GLN C 551 -36.27 1.93 8.10
N VAL C 552 -37.30 1.19 7.69
CA VAL C 552 -37.40 -0.25 7.81
C VAL C 552 -36.35 -1.06 7.09
N GLN C 553 -35.53 -1.78 7.83
CA GLN C 553 -34.52 -2.56 7.18
C GLN C 553 -35.21 -3.66 6.43
N LEU C 554 -34.96 -3.73 5.14
CA LEU C 554 -35.59 -4.69 4.31
C LEU C 554 -34.51 -5.38 3.49
N MET C 555 -34.17 -6.62 3.82
CA MET C 555 -33.09 -7.32 3.14
C MET C 555 -33.21 -8.81 3.25
N THR C 556 -32.29 -9.52 2.58
CA THR C 556 -32.33 -10.97 2.62
C THR C 556 -31.70 -11.44 3.87
N LEU C 557 -31.98 -12.68 4.22
CA LEU C 557 -31.42 -13.26 5.40
C LEU C 557 -29.94 -13.08 5.30
N HIS C 558 -29.37 -13.45 4.15
CA HIS C 558 -27.91 -13.34 4.00
C HIS C 558 -27.48 -11.95 4.23
N ALA C 559 -28.25 -11.01 3.73
CA ALA C 559 -27.90 -9.63 3.90
C ALA C 559 -27.79 -9.34 5.39
N SER C 560 -28.69 -9.96 6.15
CA SER C 560 -28.79 -9.73 7.59
C SER C 560 -27.71 -10.26 8.52
N LYS C 561 -26.95 -11.26 8.05
CA LYS C 561 -25.89 -11.86 8.84
C LYS C 561 -25.19 -10.86 9.71
N GLY C 562 -25.18 -11.12 10.99
CA GLY C 562 -24.50 -10.24 11.93
C GLY C 562 -25.11 -8.92 12.28
N LEU C 563 -26.44 -8.84 12.23
CA LEU C 563 -27.16 -7.61 12.53
C LEU C 563 -28.24 -7.93 13.49
N GLU C 564 -28.95 -6.89 13.92
CA GLU C 564 -30.02 -7.10 14.86
C GLU C 564 -31.01 -5.98 14.81
N PHE C 565 -32.21 -6.34 15.18
CA PHE C 565 -33.27 -5.38 15.15
C PHE C 565 -34.33 -5.82 16.11
N PRO C 566 -34.94 -4.89 16.80
CA PRO C 566 -35.97 -5.19 17.77
C PRO C 566 -37.11 -5.99 17.22
N TYR C 567 -37.47 -5.76 15.99
CA TYR C 567 -38.62 -6.50 15.50
C TYR C 567 -38.38 -7.01 14.08
N VAL C 568 -38.53 -8.32 13.92
CA VAL C 568 -38.28 -8.95 12.62
C VAL C 568 -39.53 -9.64 12.09
N TYR C 569 -39.69 -9.66 10.77
CA TYR C 569 -40.80 -10.36 10.12
C TYR C 569 -40.09 -11.21 9.16
N MET C 570 -39.84 -12.45 9.48
CA MET C 570 -39.18 -13.30 8.50
C MET C 570 -40.34 -13.71 7.61
N VAL C 571 -40.35 -13.23 6.40
CA VAL C 571 -41.47 -13.56 5.54
C VAL C 571 -41.22 -14.72 4.61
N GLY C 572 -42.29 -15.17 3.97
CA GLY C 572 -42.15 -16.27 3.05
C GLY C 572 -41.53 -17.50 3.69
N MET C 573 -42.16 -18.10 4.70
CA MET C 573 -41.66 -19.29 5.41
C MET C 573 -42.25 -20.57 4.84
N GLU C 574 -42.32 -20.63 3.54
CA GLU C 574 -42.90 -21.76 2.86
C GLU C 574 -41.78 -22.73 2.62
N GLU C 575 -42.13 -23.93 2.15
CA GLU C 575 -41.15 -24.96 1.91
C GLU C 575 -40.27 -24.56 0.78
N GLY C 576 -40.72 -24.69 -0.45
CA GLY C 576 -39.84 -24.27 -1.53
C GLY C 576 -38.90 -23.09 -1.25
N PHE C 577 -39.46 -22.02 -0.71
CA PHE C 577 -38.71 -20.81 -0.43
C PHE C 577 -37.63 -20.90 0.64
N LEU C 578 -37.98 -20.89 1.94
CA LEU C 578 -36.90 -20.95 2.93
C LEU C 578 -36.26 -22.23 2.67
N PRO C 579 -36.84 -23.37 3.08
CA PRO C 579 -36.02 -24.54 2.65
C PRO C 579 -36.08 -24.41 1.10
N HIS C 580 -35.06 -23.76 0.54
CA HIS C 580 -34.98 -23.49 -0.88
C HIS C 580 -35.02 -24.72 -1.71
N GLN C 581 -36.05 -24.80 -2.56
CA GLN C 581 -36.28 -25.95 -3.42
C GLN C 581 -34.99 -26.52 -3.91
N SER C 582 -34.18 -25.68 -4.55
CA SER C 582 -32.88 -26.13 -5.04
C SER C 582 -32.29 -27.05 -3.96
N SER C 583 -31.97 -26.48 -2.81
CA SER C 583 -31.41 -27.27 -1.72
C SER C 583 -32.37 -28.37 -1.26
N ILE C 584 -33.68 -28.07 -1.25
CA ILE C 584 -34.68 -29.05 -0.84
C ILE C 584 -34.24 -30.30 -1.50
N ASP C 585 -34.09 -30.25 -2.83
CA ASP C 585 -33.66 -31.40 -3.61
C ASP C 585 -32.17 -31.44 -3.91
N GLU C 586 -31.40 -31.81 -2.89
CA GLU C 586 -29.95 -31.93 -2.93
C GLU C 586 -29.54 -32.48 -1.56
N ASP C 587 -30.56 -32.60 -0.73
CA ASP C 587 -30.49 -33.16 0.64
C ASP C 587 -29.68 -32.32 1.62
N ASN C 588 -29.06 -31.28 1.15
CA ASN C 588 -28.42 -30.33 2.07
C ASN C 588 -29.57 -29.41 2.44
N ILE C 589 -29.83 -29.32 3.73
CA ILE C 589 -30.83 -28.45 4.24
C ILE C 589 -30.11 -27.81 5.39
N ASP C 590 -29.31 -28.61 6.08
CA ASP C 590 -28.57 -28.15 7.21
C ASP C 590 -28.22 -26.70 7.09
N GLU C 591 -27.76 -26.28 5.92
CA GLU C 591 -27.42 -24.87 5.78
C GLU C 591 -28.63 -23.96 5.86
N GLU C 592 -29.62 -24.31 5.07
CA GLU C 592 -30.84 -23.56 5.02
C GLU C 592 -31.28 -23.42 6.44
N ARG C 593 -31.14 -24.50 7.18
CA ARG C 593 -31.55 -24.44 8.53
C ARG C 593 -30.72 -23.37 9.18
N ARG C 594 -29.39 -23.42 9.06
CA ARG C 594 -28.52 -22.39 9.67
C ARG C 594 -29.02 -21.02 9.27
N LEU C 595 -29.29 -20.91 7.98
CA LEU C 595 -29.84 -19.70 7.42
C LEU C 595 -31.01 -19.19 8.30
N ALA C 596 -32.03 -20.02 8.50
CA ALA C 596 -33.19 -19.65 9.31
C ALA C 596 -32.75 -19.21 10.70
N TYR C 597 -32.08 -20.12 11.40
CA TYR C 597 -31.55 -19.91 12.72
C TYR C 597 -30.82 -18.60 12.81
N VAL C 598 -30.16 -18.22 11.75
CA VAL C 598 -29.51 -16.94 11.82
C VAL C 598 -30.67 -16.01 11.94
N GLY C 599 -31.38 -15.84 10.81
CA GLY C 599 -32.55 -14.98 10.71
C GLY C 599 -33.11 -14.77 12.08
N ILE C 600 -33.61 -15.87 12.63
CA ILE C 600 -34.17 -15.88 13.97
C ILE C 600 -33.33 -15.18 15.01
N THR C 601 -32.08 -15.58 15.20
CA THR C 601 -31.23 -14.95 16.20
C THR C 601 -30.89 -13.47 15.91
N ARG C 602 -31.52 -12.86 14.91
CA ARG C 602 -31.24 -11.48 14.60
C ARG C 602 -32.26 -10.56 15.22
N ALA C 603 -33.39 -11.13 15.57
CA ALA C 603 -34.46 -10.38 16.17
C ALA C 603 -34.21 -10.32 17.63
N GLN C 604 -34.45 -9.19 18.28
CA GLN C 604 -34.23 -9.10 19.71
C GLN C 604 -35.44 -8.97 20.65
N LYS C 605 -36.53 -8.31 20.24
CA LYS C 605 -37.70 -8.17 21.12
C LYS C 605 -38.92 -9.00 20.73
N GLU C 606 -39.25 -9.07 19.43
CA GLU C 606 -40.36 -9.92 18.95
C GLU C 606 -40.10 -10.32 17.54
N LEU C 607 -40.53 -11.54 17.22
CA LEU C 607 -40.33 -12.14 15.90
C LEU C 607 -41.61 -12.67 15.32
N THR C 608 -41.80 -12.45 14.03
CA THR C 608 -42.98 -12.95 13.36
C THR C 608 -42.72 -13.62 12.05
N PHE C 609 -43.22 -14.83 11.92
CA PHE C 609 -43.02 -15.55 10.69
C PHE C 609 -44.21 -15.35 9.75
N THR C 610 -44.02 -15.50 8.44
CA THR C 610 -45.17 -15.40 7.53
C THR C 610 -44.97 -16.29 6.33
N LEU C 611 -46.06 -16.83 5.83
CA LEU C 611 -45.97 -17.68 4.66
C LEU C 611 -47.15 -17.44 3.73
N CYS C 612 -46.98 -17.66 2.43
CA CYS C 612 -48.11 -17.47 1.53
C CYS C 612 -48.80 -18.79 1.45
N LYS C 613 -50.13 -18.76 1.50
CA LYS C 613 -50.88 -19.98 1.41
C LYS C 613 -50.87 -20.46 -0.04
N GLU C 614 -50.53 -19.58 -0.98
CA GLU C 614 -50.50 -20.02 -2.37
C GLU C 614 -49.58 -19.20 -3.22
N ARG C 615 -48.91 -19.91 -4.11
CA ARG C 615 -47.95 -19.30 -5.00
C ARG C 615 -48.29 -19.62 -6.45
N ARG C 616 -47.86 -18.75 -7.37
CA ARG C 616 -48.12 -18.97 -8.77
C ARG C 616 -46.96 -19.68 -9.37
N GLN C 617 -47.05 -21.00 -9.49
CA GLN C 617 -45.98 -21.84 -10.06
C GLN C 617 -45.61 -21.27 -11.39
N TYR C 618 -46.50 -21.42 -12.37
CA TYR C 618 -46.24 -20.85 -13.69
C TYR C 618 -47.62 -20.70 -14.22
N GLY C 619 -48.34 -19.72 -13.68
CA GLY C 619 -49.70 -19.58 -14.09
C GLY C 619 -50.41 -20.73 -13.40
N GLU C 620 -49.63 -21.72 -13.01
CA GLU C 620 -50.15 -22.85 -12.30
C GLU C 620 -50.03 -22.46 -10.87
N LEU C 621 -51.14 -22.44 -10.16
CA LEU C 621 -51.06 -22.08 -8.76
C LEU C 621 -50.77 -23.26 -7.86
N VAL C 622 -49.87 -23.08 -6.90
CA VAL C 622 -49.50 -24.12 -5.93
C VAL C 622 -49.81 -23.76 -4.46
N ARG C 623 -50.26 -24.75 -3.70
CA ARG C 623 -50.56 -24.59 -2.27
C ARG C 623 -49.36 -25.22 -1.52
N PRO C 624 -48.34 -24.38 -1.20
CA PRO C 624 -47.12 -24.75 -0.49
C PRO C 624 -47.31 -25.07 0.95
N GLU C 625 -46.34 -25.79 1.48
CA GLU C 625 -46.39 -26.21 2.84
C GLU C 625 -45.37 -25.45 3.68
N PRO C 626 -45.76 -25.09 4.88
CA PRO C 626 -45.01 -24.38 5.90
C PRO C 626 -43.57 -24.87 6.04
N SER C 627 -42.60 -23.97 5.88
CA SER C 627 -41.20 -24.33 6.01
C SER C 627 -41.15 -25.22 7.21
N ARG C 628 -40.76 -26.47 7.00
CA ARG C 628 -40.66 -27.48 8.07
C ARG C 628 -40.07 -26.84 9.32
N PHE C 629 -39.23 -25.85 9.09
CA PHE C 629 -38.58 -25.11 10.14
C PHE C 629 -39.62 -24.66 11.19
N LEU C 630 -40.68 -23.95 10.75
CA LEU C 630 -41.75 -23.47 11.65
C LEU C 630 -42.23 -24.58 12.57
N LEU C 631 -42.23 -25.78 12.06
CA LEU C 631 -42.66 -26.95 12.81
C LEU C 631 -41.69 -27.41 13.88
N GLU C 632 -40.41 -27.48 13.52
CA GLU C 632 -39.46 -27.94 14.51
C GLU C 632 -39.39 -26.99 15.69
N LEU C 633 -39.87 -25.76 15.48
CA LEU C 633 -39.84 -24.77 16.55
C LEU C 633 -40.68 -25.21 17.75
N PRO C 634 -40.49 -24.60 18.93
CA PRO C 634 -41.29 -24.99 20.11
C PRO C 634 -42.71 -24.48 20.10
N GLN C 635 -43.62 -25.34 19.67
CA GLN C 635 -45.02 -24.91 19.57
C GLN C 635 -45.65 -24.20 20.75
N ASP C 636 -45.17 -24.44 21.94
CA ASP C 636 -45.78 -23.72 23.02
C ASP C 636 -45.61 -22.21 22.82
N ASP C 637 -44.50 -21.77 22.24
CA ASP C 637 -44.29 -20.35 22.12
C ASP C 637 -44.64 -19.81 20.77
N LEU C 638 -45.18 -20.65 19.93
CA LEU C 638 -45.54 -20.18 18.62
C LEU C 638 -47.07 -20.06 18.55
N ILE C 639 -47.55 -19.04 17.84
CA ILE C 639 -49.00 -18.81 17.68
C ILE C 639 -49.53 -18.73 16.24
N TRP C 640 -49.72 -19.87 15.61
CA TRP C 640 -50.24 -19.94 14.27
C TRP C 640 -51.57 -19.15 14.21
N GLU C 641 -51.78 -18.34 13.17
CA GLU C 641 -53.00 -17.53 13.07
C GLU C 641 -54.31 -18.27 12.74
N GLN C 642 -54.88 -17.99 11.56
CA GLN C 642 -56.13 -18.60 11.09
C GLN C 642 -56.54 -18.11 9.68
#